data_8B2P
#
_entry.id   8B2P
#
_cell.length_a   57.661
_cell.length_b   76.817
_cell.length_c   107.344
_cell.angle_alpha   90.000
_cell.angle_beta   90.530
_cell.angle_gamma   90.000
#
_symmetry.space_group_name_H-M   'P 1 21 1'
#
loop_
_entity.id
_entity.type
_entity.pdbx_description
1 polymer 'Cytochrome P450 alkane hydroxylase'
2 non-polymer 'PROTOPORPHYRIN IX CONTAINING FE'
3 non-polymer 'OCTANOIC ACID (CAPRYLIC ACID)'
4 water water
#
_entity_poly.entity_id   1
_entity_poly.type   'polypeptide(L)'
_entity_poly.pdbx_seq_one_letter_code
;MSTKSGTNDAMQTKMINATSRLVPMHLQIKALKSLMKAKKKALGSTRPQVKFLERPVPDVNTLALEDIDTSNPFLYRQDQ
WGAYFKRLRDEAPVHFQKSSQFGPFWSVTRYEDILFVDKNHELFSSEPQIILGDPPEGLSVEMFIAMDPPKHDVQRRAVQ
GVVAPQNLKEMEGLIRQRAAEVLDSLPLDKAFNWVPAVSKELTGRMLATLLDFPYEQRHKLVDWSDRLSGASSATGGEFT
DEDIMFDDAADMAWSFSRLWRDKEARRKAGEPPGFDLISMLQSNKDTRDLINRPMEFIGNLALLIVGGNDTTRNSMSGGV
LALNQFPEEFIKLKKNPELIPNMVSEIIRWQTPLAHMRRVATQDVELRGQTIKKGDRVLMWYASGNRDERKFENPDQLII
DRKDARNHISFGYGIHRCMGNRLAELQLRILWEELLKRFDNIEVVGEPERVQSNFVRGYSKLMVKLTAKN
;
_entity_poly.pdbx_strand_id   A,B
#
# COMPACT_ATOMS: atom_id res chain seq x y z
N PRO A 48 -34.11 10.07 -34.88
CA PRO A 48 -34.89 11.26 -34.53
C PRO A 48 -34.81 11.56 -33.02
N GLN A 49 -33.99 12.54 -32.65
CA GLN A 49 -33.60 12.89 -31.25
C GLN A 49 -34.67 13.81 -30.63
N VAL A 50 -35.01 13.56 -29.36
CA VAL A 50 -36.06 14.30 -28.59
C VAL A 50 -35.42 14.79 -27.29
N LYS A 51 -35.64 16.06 -26.94
CA LYS A 51 -35.27 16.63 -25.63
C LYS A 51 -36.40 16.30 -24.64
N PHE A 52 -36.31 15.16 -23.96
CA PHE A 52 -37.22 14.72 -22.88
C PHE A 52 -37.24 15.79 -21.79
N LEU A 53 -38.42 16.31 -21.44
CA LEU A 53 -38.61 17.33 -20.39
C LEU A 53 -39.11 16.64 -19.11
N GLU A 54 -38.49 16.94 -17.97
CA GLU A 54 -38.81 16.26 -16.68
C GLU A 54 -40.11 16.84 -16.12
N ARG A 55 -41.17 16.02 -16.12
CA ARG A 55 -42.44 16.26 -15.41
C ARG A 55 -42.47 15.34 -14.19
N PRO A 56 -43.11 15.74 -13.06
CA PRO A 56 -43.24 14.84 -11.91
C PRO A 56 -43.90 13.54 -12.37
N VAL A 57 -43.26 12.40 -12.10
CA VAL A 57 -43.79 11.06 -12.44
C VAL A 57 -44.92 10.74 -11.47
N PRO A 58 -46.08 10.23 -11.96
CA PRO A 58 -47.21 9.92 -11.08
C PRO A 58 -46.96 8.69 -10.19
N ASP A 59 -47.42 8.74 -8.94
CA ASP A 59 -47.61 7.56 -8.06
C ASP A 59 -48.25 6.45 -8.89
N VAL A 60 -47.64 5.26 -8.91
CA VAL A 60 -48.00 4.16 -9.87
C VAL A 60 -49.40 3.62 -9.55
N ASN A 61 -49.87 3.83 -8.31
CA ASN A 61 -51.21 3.37 -7.84
C ASN A 61 -52.32 4.18 -8.50
N THR A 62 -52.02 5.36 -9.05
CA THR A 62 -53.00 6.25 -9.73
C THR A 62 -53.04 5.96 -11.24
N LEU A 63 -52.57 4.79 -11.69
CA LEU A 63 -52.54 4.42 -13.12
C LEU A 63 -53.25 3.07 -13.31
N ALA A 64 -53.86 2.86 -14.47
CA ALA A 64 -54.22 1.53 -15.01
C ALA A 64 -52.91 0.83 -15.42
N LEU A 65 -52.85 -0.50 -15.33
CA LEU A 65 -51.64 -1.28 -15.71
C LEU A 65 -51.20 -0.88 -17.12
N GLU A 66 -52.14 -0.78 -18.06
CA GLU A 66 -51.88 -0.52 -19.50
C GLU A 66 -51.11 0.79 -19.68
N ASP A 67 -51.18 1.71 -18.71
CA ASP A 67 -50.63 3.09 -18.76
C ASP A 67 -49.24 3.18 -18.15
N ILE A 68 -48.78 2.17 -17.41
CA ILE A 68 -47.42 2.17 -16.80
C ILE A 68 -46.40 2.09 -17.94
N ASP A 69 -45.61 3.16 -18.13
CA ASP A 69 -44.55 3.27 -19.18
C ASP A 69 -43.18 3.31 -18.50
N THR A 70 -42.41 2.23 -18.62
CA THR A 70 -41.09 2.05 -17.93
C THR A 70 -39.98 2.73 -18.75
N SER A 71 -40.29 3.18 -19.98
CA SER A 71 -39.37 3.89 -20.91
C SER A 71 -39.09 5.32 -20.41
N ASN A 72 -39.86 5.80 -19.44
CA ASN A 72 -39.67 7.14 -18.83
C ASN A 72 -38.27 7.18 -18.23
N PRO A 73 -37.37 8.07 -18.73
CA PRO A 73 -36.00 8.13 -18.25
C PRO A 73 -35.80 8.82 -16.90
N PHE A 74 -36.87 9.30 -16.25
CA PHE A 74 -36.80 10.03 -14.96
C PHE A 74 -37.26 9.13 -13.80
N LEU A 75 -37.61 7.87 -14.08
CA LEU A 75 -38.08 6.91 -13.04
C LEU A 75 -36.95 6.71 -12.02
N TYR A 76 -35.72 6.49 -12.48
CA TYR A 76 -34.57 6.27 -11.56
C TYR A 76 -34.32 7.55 -10.75
N ARG A 77 -34.22 8.70 -11.43
CA ARG A 77 -33.93 10.01 -10.80
C ARG A 77 -34.95 10.33 -9.70
N GLN A 78 -36.23 10.08 -9.93
CA GLN A 78 -37.33 10.52 -9.03
C GLN A 78 -37.65 9.43 -7.99
N ASP A 79 -36.93 8.30 -8.02
CA ASP A 79 -37.03 7.20 -7.02
C ASP A 79 -38.41 6.55 -7.11
N GLN A 80 -38.94 6.43 -8.33
CA GLN A 80 -40.25 5.82 -8.63
C GLN A 80 -40.06 4.42 -9.25
N TRP A 81 -38.87 4.15 -9.80
CA TRP A 81 -38.53 2.85 -10.47
C TRP A 81 -38.97 1.68 -9.57
N GLY A 82 -38.68 1.76 -8.26
CA GLY A 82 -38.90 0.68 -7.28
C GLY A 82 -40.36 0.28 -7.19
N ALA A 83 -41.22 1.27 -6.90
CA ALA A 83 -42.69 1.12 -6.80
C ALA A 83 -43.26 0.67 -8.15
N TYR A 84 -42.81 1.26 -9.26
CA TYR A 84 -43.28 0.92 -10.63
C TYR A 84 -43.01 -0.56 -10.93
N PHE A 85 -41.80 -1.04 -10.59
CA PHE A 85 -41.35 -2.42 -10.92
C PHE A 85 -41.99 -3.42 -9.95
N LYS A 86 -42.19 -3.03 -8.68
CA LYS A 86 -42.91 -3.87 -7.67
C LYS A 86 -44.33 -4.16 -8.17
N ARG A 87 -45.05 -3.14 -8.64
CA ARG A 87 -46.45 -3.29 -9.11
C ARG A 87 -46.48 -4.18 -10.36
N LEU A 88 -45.54 -4.03 -11.28
CA LEU A 88 -45.50 -4.87 -12.51
C LEU A 88 -45.18 -6.33 -12.12
N ARG A 89 -44.18 -6.52 -11.26
CA ARG A 89 -43.76 -7.86 -10.77
C ARG A 89 -44.99 -8.61 -10.24
N ASP A 90 -45.79 -7.94 -9.42
CA ASP A 90 -46.92 -8.54 -8.65
C ASP A 90 -48.17 -8.70 -9.52
N GLU A 91 -48.50 -7.72 -10.38
CA GLU A 91 -49.82 -7.63 -11.07
C GLU A 91 -49.69 -7.82 -12.60
N ALA A 92 -48.52 -7.58 -13.20
CA ALA A 92 -48.31 -7.65 -14.66
C ALA A 92 -46.84 -7.93 -14.99
N PRO A 93 -46.32 -9.11 -14.60
CA PRO A 93 -44.89 -9.38 -14.70
C PRO A 93 -44.44 -9.56 -16.17
N VAL A 94 -45.37 -9.83 -17.08
CA VAL A 94 -45.13 -9.79 -18.55
C VAL A 94 -46.14 -8.80 -19.16
N HIS A 95 -45.75 -7.52 -19.24
CA HIS A 95 -46.63 -6.34 -19.46
C HIS A 95 -46.34 -5.73 -20.83
N PHE A 96 -47.39 -5.44 -21.61
CA PHE A 96 -47.32 -4.77 -22.94
C PHE A 96 -47.69 -3.29 -22.78
N GLN A 97 -46.78 -2.40 -23.16
CA GLN A 97 -47.03 -0.94 -23.29
C GLN A 97 -47.22 -0.64 -24.76
N LYS A 98 -48.44 -0.32 -25.18
CA LYS A 98 -48.82 -0.22 -26.61
C LYS A 98 -48.33 1.10 -27.20
N SER A 99 -48.05 2.10 -26.35
CA SER A 99 -47.66 3.46 -26.78
C SER A 99 -46.58 4.04 -25.84
N SER A 100 -45.49 4.54 -26.42
CA SER A 100 -44.42 5.32 -25.75
C SER A 100 -43.68 6.16 -26.79
N GLN A 101 -42.77 7.03 -26.36
CA GLN A 101 -41.84 7.77 -27.26
C GLN A 101 -41.09 6.80 -28.18
N PHE A 102 -40.88 5.54 -27.75
CA PHE A 102 -40.02 4.53 -28.44
C PHE A 102 -40.85 3.48 -29.18
N GLY A 103 -42.17 3.65 -29.24
CA GLY A 103 -43.10 2.68 -29.84
C GLY A 103 -43.58 1.67 -28.81
N PRO A 104 -44.26 0.58 -29.25
CA PRO A 104 -44.74 -0.46 -28.35
C PRO A 104 -43.63 -1.42 -27.88
N PHE A 105 -43.63 -1.80 -26.60
CA PHE A 105 -42.65 -2.74 -26.00
C PHE A 105 -43.26 -3.52 -24.83
N TRP A 106 -42.74 -4.73 -24.61
CA TRP A 106 -43.05 -5.59 -23.43
C TRP A 106 -42.00 -5.31 -22.34
N SER A 107 -42.43 -5.37 -21.08
CA SER A 107 -41.57 -5.35 -19.88
C SER A 107 -41.68 -6.70 -19.17
N VAL A 108 -40.54 -7.36 -18.96
CA VAL A 108 -40.41 -8.62 -18.18
C VAL A 108 -39.59 -8.27 -16.94
N THR A 109 -40.19 -8.40 -15.75
CA THR A 109 -39.72 -7.76 -14.49
C THR A 109 -39.43 -8.78 -13.39
N ARG A 110 -39.81 -10.06 -13.58
CA ARG A 110 -39.52 -11.15 -12.61
C ARG A 110 -38.19 -11.82 -12.95
N TYR A 111 -37.35 -11.96 -11.93
CA TYR A 111 -36.03 -12.66 -12.00
C TYR A 111 -36.19 -13.88 -12.91
N GLU A 112 -37.08 -14.79 -12.54
CA GLU A 112 -37.31 -16.09 -13.24
C GLU A 112 -37.50 -15.88 -14.74
N ASP A 113 -38.31 -14.89 -15.14
CA ASP A 113 -38.75 -14.69 -16.54
C ASP A 113 -37.60 -14.06 -17.34
N ILE A 114 -36.84 -13.18 -16.70
CA ILE A 114 -35.61 -12.57 -17.30
C ILE A 114 -34.66 -13.71 -17.72
N LEU A 115 -34.43 -14.71 -16.84
CA LEU A 115 -33.55 -15.88 -17.14
C LEU A 115 -34.06 -16.62 -18.37
N PHE A 116 -35.38 -16.81 -18.49
CA PHE A 116 -35.99 -17.54 -19.63
C PHE A 116 -35.66 -16.80 -20.93
N VAL A 117 -35.93 -15.49 -20.96
CA VAL A 117 -35.77 -14.62 -22.17
C VAL A 117 -34.28 -14.57 -22.53
N ASP A 118 -33.43 -14.23 -21.55
CA ASP A 118 -31.96 -14.07 -21.73
C ASP A 118 -31.37 -15.38 -22.28
N LYS A 119 -31.81 -16.52 -21.74
CA LYS A 119 -31.32 -17.88 -22.13
C LYS A 119 -31.72 -18.21 -23.58
N ASN A 120 -32.94 -17.86 -23.98
CA ASN A 120 -33.55 -18.30 -25.27
C ASN A 120 -33.23 -17.29 -26.37
N HIS A 121 -31.97 -17.24 -26.80
CA HIS A 121 -31.48 -16.33 -27.87
C HIS A 121 -32.20 -16.62 -29.20
N GLU A 122 -32.62 -17.87 -29.45
CA GLU A 122 -33.27 -18.27 -30.73
C GLU A 122 -34.70 -17.75 -30.79
N LEU A 123 -35.38 -17.64 -29.64
CA LEU A 123 -36.78 -17.12 -29.52
C LEU A 123 -36.73 -15.58 -29.45
N PHE A 124 -35.72 -15.06 -28.74
CA PHE A 124 -35.54 -13.62 -28.43
C PHE A 124 -34.18 -13.17 -28.97
N SER A 125 -34.18 -12.66 -30.21
CA SER A 125 -32.98 -12.19 -30.94
C SER A 125 -32.42 -10.93 -30.29
N SER A 126 -31.09 -10.75 -30.36
CA SER A 126 -30.36 -9.55 -29.88
C SER A 126 -30.22 -8.51 -31.01
N GLU A 127 -30.62 -8.89 -32.24
CA GLU A 127 -30.60 -8.03 -33.45
C GLU A 127 -31.94 -7.28 -33.55
N PRO A 128 -32.00 -6.05 -34.09
CA PRO A 128 -30.82 -5.31 -34.53
C PRO A 128 -30.17 -4.42 -33.47
N GLN A 129 -30.81 -4.27 -32.31
CA GLN A 129 -30.32 -3.38 -31.22
C GLN A 129 -30.63 -4.02 -29.87
N ILE A 130 -30.00 -3.51 -28.83
CA ILE A 130 -29.98 -4.10 -27.47
C ILE A 130 -30.50 -3.06 -26.46
N ILE A 131 -30.80 -1.86 -26.95
CA ILE A 131 -31.50 -0.78 -26.18
C ILE A 131 -32.93 -0.65 -26.72
N LEU A 132 -33.82 -0.03 -25.94
CA LEU A 132 -35.26 0.16 -26.26
C LEU A 132 -35.39 0.79 -27.65
N GLY A 133 -34.80 1.97 -27.84
CA GLY A 133 -34.99 2.83 -29.02
C GLY A 133 -34.10 2.42 -30.18
N ASP A 134 -33.67 3.41 -30.97
CA ASP A 134 -32.81 3.21 -32.17
C ASP A 134 -31.62 4.15 -32.08
N PRO A 135 -30.48 3.84 -32.75
CA PRO A 135 -29.33 4.74 -32.78
C PRO A 135 -29.64 5.91 -33.71
N PRO A 136 -28.90 7.03 -33.63
CA PRO A 136 -29.08 8.13 -34.59
C PRO A 136 -28.99 7.64 -36.05
N GLU A 137 -29.80 8.24 -36.93
CA GLU A 137 -29.87 7.92 -38.38
C GLU A 137 -28.46 7.95 -38.97
N GLY A 138 -28.05 6.86 -39.65
CA GLY A 138 -26.76 6.75 -40.36
C GLY A 138 -25.55 6.61 -39.44
N LEU A 139 -25.73 6.58 -38.12
CA LEU A 139 -24.63 6.51 -37.12
C LEU A 139 -24.67 5.16 -36.37
N SER A 140 -25.15 4.11 -37.02
CA SER A 140 -25.26 2.73 -36.47
C SER A 140 -23.87 2.08 -36.48
N VAL A 141 -23.54 1.34 -35.43
CA VAL A 141 -22.22 0.66 -35.22
C VAL A 141 -22.46 -0.84 -34.97
N GLU A 142 -21.88 -1.72 -35.78
CA GLU A 142 -22.00 -3.20 -35.66
C GLU A 142 -21.22 -3.68 -34.43
N MET A 143 -21.94 -4.00 -33.35
CA MET A 143 -21.40 -4.59 -32.09
C MET A 143 -21.89 -6.05 -31.98
N PHE A 144 -21.08 -6.98 -31.48
CA PHE A 144 -21.45 -8.42 -31.42
C PHE A 144 -22.55 -8.61 -30.35
N ILE A 145 -22.67 -7.69 -29.38
CA ILE A 145 -23.79 -7.70 -28.38
C ILE A 145 -25.13 -7.68 -29.11
N ALA A 146 -25.24 -6.96 -30.23
CA ALA A 146 -26.47 -6.85 -31.05
C ALA A 146 -26.36 -7.82 -32.24
N MET A 147 -25.98 -9.06 -31.96
CA MET A 147 -25.66 -10.09 -32.99
C MET A 147 -26.13 -11.46 -32.46
N ASP A 148 -26.68 -12.28 -33.34
CA ASP A 148 -27.07 -13.68 -33.05
C ASP A 148 -25.94 -14.60 -33.51
N PRO A 149 -25.79 -15.81 -32.92
CA PRO A 149 -24.90 -16.83 -33.48
C PRO A 149 -25.26 -17.18 -34.93
N PRO A 150 -24.34 -17.75 -35.75
CA PRO A 150 -22.95 -18.00 -35.32
C PRO A 150 -22.05 -16.76 -35.29
N LYS A 151 -22.44 -15.68 -35.99
CA LYS A 151 -21.62 -14.45 -36.14
C LYS A 151 -21.20 -13.93 -34.77
N HIS A 152 -22.10 -13.92 -33.77
CA HIS A 152 -21.83 -13.39 -32.41
C HIS A 152 -20.64 -14.12 -31.80
N ASP A 153 -20.63 -15.46 -31.91
CA ASP A 153 -19.64 -16.36 -31.24
C ASP A 153 -18.25 -16.08 -31.80
N VAL A 154 -18.13 -15.99 -33.13
CA VAL A 154 -16.86 -15.70 -33.87
C VAL A 154 -16.26 -14.38 -33.34
N GLN A 155 -17.03 -13.30 -33.35
CA GLN A 155 -16.53 -11.95 -32.97
C GLN A 155 -16.19 -11.91 -31.46
N ARG A 156 -16.95 -12.62 -30.62
CA ARG A 156 -16.71 -12.63 -29.15
C ARG A 156 -15.40 -13.38 -28.87
N ARG A 157 -15.19 -14.54 -29.50
CA ARG A 157 -13.96 -15.38 -29.37
C ARG A 157 -12.73 -14.54 -29.72
N ALA A 158 -12.83 -13.71 -30.76
CA ALA A 158 -11.74 -12.86 -31.29
C ALA A 158 -11.21 -11.90 -30.21
N VAL A 159 -12.02 -11.51 -29.22
CA VAL A 159 -11.73 -10.37 -28.31
C VAL A 159 -11.71 -10.84 -26.84
N GLN A 160 -12.28 -12.01 -26.55
CA GLN A 160 -12.51 -12.56 -25.18
C GLN A 160 -11.21 -12.61 -24.35
N GLY A 161 -10.11 -13.04 -24.98
CA GLY A 161 -8.79 -13.27 -24.33
C GLY A 161 -8.32 -12.11 -23.48
N VAL A 162 -8.61 -10.86 -23.87
CA VAL A 162 -8.07 -9.63 -23.22
C VAL A 162 -8.55 -9.52 -21.76
N VAL A 163 -9.74 -10.03 -21.44
CA VAL A 163 -10.34 -9.89 -20.08
C VAL A 163 -10.45 -11.26 -19.42
N ALA A 164 -9.84 -12.30 -20.02
CA ALA A 164 -9.61 -13.62 -19.40
C ALA A 164 -8.81 -13.42 -18.12
N PRO A 165 -9.09 -14.14 -17.00
CA PRO A 165 -8.40 -13.91 -15.73
C PRO A 165 -6.87 -13.96 -15.78
N GLN A 166 -6.30 -14.76 -16.70
CA GLN A 166 -4.85 -14.89 -16.94
C GLN A 166 -4.27 -13.52 -17.34
N ASN A 167 -4.91 -12.85 -18.29
CA ASN A 167 -4.46 -11.56 -18.85
C ASN A 167 -4.72 -10.44 -17.84
N LEU A 168 -5.79 -10.55 -17.05
CA LEU A 168 -6.14 -9.55 -16.00
C LEU A 168 -5.05 -9.54 -14.92
N LYS A 169 -4.43 -10.70 -14.63
CA LYS A 169 -3.31 -10.82 -13.67
C LYS A 169 -2.15 -9.92 -14.15
N GLU A 170 -1.88 -9.92 -15.46
CA GLU A 170 -0.80 -9.11 -16.10
C GLU A 170 -1.07 -7.61 -15.89
N MET A 171 -2.33 -7.19 -15.77
CA MET A 171 -2.75 -5.76 -15.70
C MET A 171 -2.93 -5.31 -14.25
N GLU A 172 -3.05 -6.25 -13.31
CA GLU A 172 -3.58 -5.96 -11.96
C GLU A 172 -2.69 -4.92 -11.27
N GLY A 173 -1.37 -5.09 -11.33
CA GLY A 173 -0.39 -4.18 -10.70
C GLY A 173 -0.58 -2.75 -11.17
N LEU A 174 -0.70 -2.57 -12.49
CA LEU A 174 -0.87 -1.23 -13.12
C LEU A 174 -2.20 -0.60 -12.67
N ILE A 175 -3.28 -1.37 -12.67
CA ILE A 175 -4.65 -0.91 -12.28
C ILE A 175 -4.61 -0.49 -10.80
N ARG A 176 -3.92 -1.28 -9.96
CA ARG A 176 -3.75 -0.99 -8.51
C ARG A 176 -2.97 0.32 -8.35
N GLN A 177 -1.89 0.49 -9.14
CA GLN A 177 -0.99 1.67 -9.08
C GLN A 177 -1.79 2.93 -9.46
N ARG A 178 -2.54 2.86 -10.56
CA ARG A 178 -3.34 3.99 -11.10
C ARG A 178 -4.48 4.32 -10.12
N ALA A 179 -4.96 3.34 -9.36
CA ALA A 179 -5.98 3.51 -8.30
C ALA A 179 -5.36 4.26 -7.12
N ALA A 180 -4.19 3.79 -6.66
CA ALA A 180 -3.40 4.40 -5.55
C ALA A 180 -3.20 5.90 -5.80
N GLU A 181 -2.76 6.26 -7.01
CA GLU A 181 -2.48 7.67 -7.40
C GLU A 181 -3.71 8.54 -7.12
N VAL A 182 -4.87 8.16 -7.67
CA VAL A 182 -6.12 8.95 -7.60
C VAL A 182 -6.53 9.11 -6.13
N LEU A 183 -6.54 8.00 -5.36
CA LEU A 183 -6.99 7.97 -3.94
C LEU A 183 -6.04 8.81 -3.06
N ASP A 184 -4.74 8.81 -3.38
CA ASP A 184 -3.72 9.60 -2.66
C ASP A 184 -3.88 11.09 -2.95
N SER A 185 -4.62 11.46 -4.02
CA SER A 185 -4.79 12.85 -4.50
C SER A 185 -6.04 13.51 -3.91
N LEU A 186 -6.90 12.75 -3.22
CA LEU A 186 -8.24 13.23 -2.79
C LEU A 186 -8.12 14.08 -1.53
N PRO A 187 -8.83 15.23 -1.43
CA PRO A 187 -8.83 16.04 -0.21
C PRO A 187 -9.55 15.34 0.95
N LEU A 188 -9.13 15.64 2.18
CA LEU A 188 -9.72 15.11 3.44
C LEU A 188 -10.51 16.23 4.12
N ASP A 189 -11.57 15.88 4.87
CA ASP A 189 -12.42 16.83 5.64
C ASP A 189 -12.90 17.97 4.72
N LYS A 190 -13.17 17.63 3.45
CA LYS A 190 -13.71 18.55 2.41
C LYS A 190 -14.58 17.72 1.47
N ALA A 191 -15.88 18.02 1.41
CA ALA A 191 -16.83 17.38 0.47
C ALA A 191 -16.38 17.71 -0.96
N PHE A 192 -16.26 16.70 -1.81
CA PHE A 192 -15.90 16.82 -3.24
C PHE A 192 -16.80 15.88 -4.05
N ASN A 193 -16.95 16.13 -5.34
CA ASN A 193 -17.78 15.28 -6.23
C ASN A 193 -16.99 14.01 -6.57
N TRP A 194 -17.42 12.88 -6.00
CA TRP A 194 -16.81 11.53 -6.16
C TRP A 194 -16.87 11.07 -7.62
N VAL A 195 -17.89 11.52 -8.37
CA VAL A 195 -18.20 10.99 -9.73
C VAL A 195 -17.04 11.35 -10.67
N PRO A 196 -16.71 12.65 -10.87
CA PRO A 196 -15.55 13.03 -11.68
C PRO A 196 -14.20 12.61 -11.05
N ALA A 197 -14.06 12.78 -9.73
CA ALA A 197 -12.78 12.66 -8.99
C ALA A 197 -12.27 11.21 -8.99
N VAL A 198 -13.15 10.23 -8.75
CA VAL A 198 -12.77 8.80 -8.59
C VAL A 198 -13.41 7.96 -9.70
N SER A 199 -14.74 7.91 -9.75
CA SER A 199 -15.51 6.98 -10.62
C SER A 199 -15.14 7.20 -12.09
N LYS A 200 -15.38 8.41 -12.61
CA LYS A 200 -15.06 8.79 -14.01
C LYS A 200 -13.55 8.62 -14.26
N GLU A 201 -12.72 9.08 -13.31
CA GLU A 201 -11.23 9.04 -13.41
C GLU A 201 -10.77 7.58 -13.54
N LEU A 202 -11.07 6.76 -12.53
CA LEU A 202 -10.60 5.34 -12.47
C LEU A 202 -11.10 4.60 -13.71
N THR A 203 -12.31 4.91 -14.18
CA THR A 203 -12.94 4.25 -15.35
C THR A 203 -12.16 4.63 -16.62
N GLY A 204 -11.90 5.92 -16.81
CA GLY A 204 -11.07 6.40 -17.94
C GLY A 204 -9.75 5.63 -18.00
N ARG A 205 -9.06 5.55 -16.87
CA ARG A 205 -7.75 4.86 -16.74
C ARG A 205 -7.91 3.38 -17.11
N MET A 206 -8.98 2.74 -16.62
CA MET A 206 -9.28 1.31 -16.86
C MET A 206 -9.36 1.06 -18.37
N LEU A 207 -10.15 1.87 -19.08
CA LEU A 207 -10.37 1.73 -20.55
C LEU A 207 -9.04 1.97 -21.30
N ALA A 208 -8.26 2.97 -20.88
CA ALA A 208 -6.94 3.28 -21.48
C ALA A 208 -5.99 2.09 -21.27
N THR A 209 -5.97 1.52 -20.06
CA THR A 209 -5.13 0.36 -19.69
C THR A 209 -5.45 -0.81 -20.64
N LEU A 210 -6.74 -1.08 -20.83
CA LEU A 210 -7.25 -2.25 -21.59
C LEU A 210 -6.83 -2.16 -23.08
N LEU A 211 -6.93 -0.96 -23.67
CA LEU A 211 -6.72 -0.74 -25.13
C LEU A 211 -5.27 -0.35 -25.42
N ASP A 212 -4.51 0.00 -24.36
CA ASP A 212 -3.22 0.74 -24.46
C ASP A 212 -3.47 1.94 -25.37
N PHE A 213 -4.43 2.77 -24.97
CA PHE A 213 -4.81 4.02 -25.66
C PHE A 213 -3.96 5.15 -25.10
N PRO A 214 -3.49 6.10 -25.95
CA PRO A 214 -2.75 7.26 -25.47
C PRO A 214 -3.33 7.76 -24.14
N TYR A 215 -2.59 7.53 -23.06
CA TYR A 215 -3.06 7.68 -21.66
C TYR A 215 -3.65 9.08 -21.44
N GLU A 216 -3.10 10.12 -22.07
CA GLU A 216 -3.50 11.54 -21.79
C GLU A 216 -4.67 11.94 -22.71
N GLN A 217 -5.06 11.08 -23.66
CA GLN A 217 -6.30 11.22 -24.46
C GLN A 217 -7.40 10.26 -23.94
N ARG A 218 -7.29 9.78 -22.70
CA ARG A 218 -8.20 8.73 -22.16
C ARG A 218 -9.61 9.30 -21.94
N HIS A 219 -9.75 10.62 -21.80
CA HIS A 219 -11.05 11.34 -21.66
C HIS A 219 -11.94 11.09 -22.90
N LYS A 220 -11.33 10.85 -24.07
CA LYS A 220 -12.07 10.66 -25.34
C LYS A 220 -12.90 9.38 -25.27
N LEU A 221 -12.36 8.31 -24.67
CA LEU A 221 -13.03 6.99 -24.54
C LEU A 221 -14.31 7.14 -23.70
N VAL A 222 -14.23 7.86 -22.57
CA VAL A 222 -15.40 8.24 -21.72
C VAL A 222 -16.38 9.09 -22.55
N ASP A 223 -15.90 10.14 -23.21
CA ASP A 223 -16.74 11.11 -23.98
C ASP A 223 -17.47 10.40 -25.13
N TRP A 224 -16.75 9.60 -25.95
CA TRP A 224 -17.34 8.82 -27.07
C TRP A 224 -18.40 7.85 -26.54
N SER A 225 -18.12 7.18 -25.41
CA SER A 225 -19.00 6.16 -24.78
C SER A 225 -20.30 6.82 -24.31
N ASP A 226 -20.18 7.92 -23.55
CA ASP A 226 -21.32 8.73 -23.02
C ASP A 226 -22.28 9.09 -24.17
N ARG A 227 -21.76 9.57 -25.30
CA ARG A 227 -22.58 10.13 -26.41
C ARG A 227 -23.16 8.98 -27.25
N LEU A 228 -22.52 7.81 -27.28
CA LEU A 228 -23.06 6.62 -27.96
C LEU A 228 -24.28 6.08 -27.19
N SER A 229 -24.11 5.80 -25.90
CA SER A 229 -25.09 5.08 -25.05
C SER A 229 -26.15 6.03 -24.49
N GLY A 230 -25.90 7.34 -24.50
CA GLY A 230 -26.78 8.36 -23.90
C GLY A 230 -27.58 9.14 -24.94
N ALA A 231 -27.64 8.66 -26.18
CA ALA A 231 -28.44 9.24 -27.27
C ALA A 231 -29.92 9.17 -26.89
N SER A 232 -30.63 10.31 -26.94
CA SER A 232 -32.07 10.41 -26.59
C SER A 232 -32.87 9.35 -27.36
N SER A 233 -32.54 9.11 -28.63
CA SER A 233 -33.30 8.18 -29.51
C SER A 233 -33.18 6.73 -29.01
N ALA A 234 -32.08 6.40 -28.31
CA ALA A 234 -31.75 5.02 -27.92
C ALA A 234 -32.30 4.71 -26.53
N THR A 235 -32.09 5.61 -25.56
CA THR A 235 -32.22 5.32 -24.11
C THR A 235 -32.89 6.47 -23.34
N GLY A 236 -33.47 7.45 -24.02
CA GLY A 236 -34.01 8.67 -23.38
C GLY A 236 -32.92 9.46 -22.65
N GLY A 237 -31.66 9.34 -23.07
CA GLY A 237 -30.55 10.12 -22.51
C GLY A 237 -30.62 11.58 -22.94
N GLU A 238 -29.77 12.41 -22.33
CA GLU A 238 -29.72 13.88 -22.49
C GLU A 238 -29.10 14.30 -23.84
N PHE A 239 -28.39 13.40 -24.52
CA PHE A 239 -27.61 13.72 -25.75
C PHE A 239 -28.55 13.76 -26.96
N THR A 240 -28.65 14.94 -27.58
CA THR A 240 -29.53 15.23 -28.76
C THR A 240 -28.71 15.65 -30.00
N ASP A 241 -27.48 16.13 -29.83
CA ASP A 241 -26.62 16.69 -30.91
C ASP A 241 -26.00 15.56 -31.74
N GLU A 242 -26.51 15.35 -32.97
CA GLU A 242 -26.03 14.31 -33.91
C GLU A 242 -24.79 14.77 -34.68
N ASP A 243 -24.49 16.06 -34.70
CA ASP A 243 -23.29 16.57 -35.42
C ASP A 243 -22.04 16.07 -34.70
N ILE A 244 -21.96 16.26 -33.38
CA ILE A 244 -20.80 15.84 -32.52
C ILE A 244 -20.67 14.31 -32.53
N MET A 245 -21.74 13.58 -32.82
CA MET A 245 -21.75 12.09 -32.89
C MET A 245 -21.07 11.66 -34.20
N PHE A 246 -21.24 12.43 -35.27
CA PHE A 246 -20.54 12.22 -36.56
C PHE A 246 -19.05 12.55 -36.39
N ASP A 247 -18.75 13.56 -35.58
CA ASP A 247 -17.37 13.95 -35.21
C ASP A 247 -16.74 12.76 -34.46
N ASP A 248 -17.42 12.27 -33.43
CA ASP A 248 -16.96 11.13 -32.58
C ASP A 248 -16.63 9.94 -33.49
N ALA A 249 -17.53 9.61 -34.43
CA ALA A 249 -17.35 8.48 -35.38
C ALA A 249 -16.05 8.66 -36.17
N ALA A 250 -15.77 9.87 -36.65
CA ALA A 250 -14.55 10.20 -37.43
C ALA A 250 -13.31 10.11 -36.51
N ASP A 251 -13.38 10.73 -35.33
CA ASP A 251 -12.30 10.82 -34.32
C ASP A 251 -11.93 9.42 -33.81
N MET A 252 -12.94 8.57 -33.61
CA MET A 252 -12.82 7.17 -33.12
C MET A 252 -12.23 6.28 -34.22
N ALA A 253 -12.72 6.38 -35.46
CA ALA A 253 -12.22 5.57 -36.60
C ALA A 253 -10.76 5.96 -36.86
N TRP A 254 -10.43 7.26 -36.79
CA TRP A 254 -9.04 7.75 -36.97
C TRP A 254 -8.13 7.16 -35.89
N SER A 255 -8.45 7.44 -34.61
CA SER A 255 -7.58 7.16 -33.45
C SER A 255 -7.31 5.65 -33.28
N PHE A 256 -8.32 4.81 -33.54
CA PHE A 256 -8.22 3.33 -33.42
C PHE A 256 -7.44 2.77 -34.61
N SER A 257 -7.63 3.31 -35.81
CA SER A 257 -6.84 2.95 -37.01
C SER A 257 -5.37 3.33 -36.78
N ARG A 258 -5.13 4.48 -36.14
CA ARG A 258 -3.77 4.98 -35.81
C ARG A 258 -3.13 4.04 -34.79
N LEU A 259 -3.87 3.70 -33.72
CA LEU A 259 -3.36 2.85 -32.61
C LEU A 259 -2.95 1.48 -33.17
N TRP A 260 -3.74 0.93 -34.09
CA TRP A 260 -3.43 -0.33 -34.80
C TRP A 260 -2.10 -0.20 -35.56
N ARG A 261 -1.98 0.82 -36.41
CA ARG A 261 -0.77 1.05 -37.28
C ARG A 261 0.47 1.25 -36.40
N ASP A 262 0.34 2.02 -35.32
N ASP A 262 0.34 2.02 -35.32
CA ASP A 262 1.46 2.31 -34.37
CA ASP A 262 1.44 2.31 -34.36
C ASP A 262 1.96 0.98 -33.77
C ASP A 262 1.95 0.99 -33.76
N LYS A 263 1.03 0.16 -33.28
CA LYS A 263 1.33 -1.18 -32.70
C LYS A 263 1.89 -2.11 -33.77
N GLU A 264 1.36 -2.07 -34.99
CA GLU A 264 1.81 -2.92 -36.13
C GLU A 264 3.28 -2.60 -36.42
N ALA A 265 3.67 -1.33 -36.33
CA ALA A 265 5.04 -0.82 -36.61
C ALA A 265 6.00 -1.32 -35.53
N ARG A 266 5.65 -1.16 -34.25
CA ARG A 266 6.48 -1.55 -33.09
C ARG A 266 6.71 -3.07 -33.12
N ARG A 267 5.75 -3.84 -33.62
CA ARG A 267 5.82 -5.31 -33.73
C ARG A 267 6.77 -5.72 -34.86
N LYS A 268 6.67 -5.09 -36.04
CA LYS A 268 7.62 -5.24 -37.19
C LYS A 268 9.03 -4.85 -36.73
N ALA A 269 9.14 -3.85 -35.84
CA ALA A 269 10.40 -3.40 -35.20
C ALA A 269 10.81 -4.40 -34.11
N GLY A 270 10.06 -5.49 -33.94
CA GLY A 270 10.43 -6.64 -33.10
C GLY A 270 10.11 -6.43 -31.62
N GLU A 271 9.33 -5.40 -31.28
CA GLU A 271 8.88 -5.15 -29.87
C GLU A 271 7.96 -6.29 -29.45
N PRO A 272 8.07 -6.80 -28.20
CA PRO A 272 7.26 -7.91 -27.74
C PRO A 272 5.80 -7.52 -27.48
N PRO A 273 4.81 -8.37 -27.87
CA PRO A 273 3.40 -8.05 -27.66
C PRO A 273 3.09 -7.79 -26.17
N GLY A 274 2.35 -6.72 -25.87
CA GLY A 274 1.94 -6.34 -24.50
C GLY A 274 0.68 -7.07 -24.06
N PHE A 275 0.04 -6.64 -22.97
CA PHE A 275 -1.16 -7.29 -22.37
C PHE A 275 -2.45 -6.67 -22.94
N ASP A 276 -2.35 -5.60 -23.72
CA ASP A 276 -3.49 -4.79 -24.23
C ASP A 276 -4.21 -5.51 -25.39
N LEU A 277 -5.39 -5.01 -25.75
CA LEU A 277 -6.30 -5.65 -26.73
C LEU A 277 -5.65 -5.70 -28.12
N ILE A 278 -5.00 -4.61 -28.54
CA ILE A 278 -4.46 -4.47 -29.94
C ILE A 278 -3.30 -5.45 -30.10
N SER A 279 -2.39 -5.49 -29.12
CA SER A 279 -1.29 -6.48 -29.04
C SER A 279 -1.85 -7.88 -29.24
N MET A 280 -2.85 -8.24 -28.44
CA MET A 280 -3.47 -9.59 -28.46
C MET A 280 -4.07 -9.86 -29.84
N LEU A 281 -4.86 -8.91 -30.39
CA LEU A 281 -5.51 -9.06 -31.72
C LEU A 281 -4.45 -9.26 -32.80
N GLN A 282 -3.30 -8.60 -32.69
CA GLN A 282 -2.22 -8.64 -33.71
C GLN A 282 -1.41 -9.94 -33.57
N SER A 283 -1.45 -10.56 -32.38
CA SER A 283 -0.82 -11.88 -32.10
C SER A 283 -1.65 -13.01 -32.70
N ASN A 284 -2.96 -13.03 -32.45
CA ASN A 284 -3.89 -14.09 -32.90
C ASN A 284 -4.06 -13.98 -34.41
N LYS A 285 -3.97 -15.11 -35.12
CA LYS A 285 -3.88 -15.16 -36.61
C LYS A 285 -5.24 -14.80 -37.23
N ASP A 286 -6.35 -15.09 -36.53
CA ASP A 286 -7.72 -14.80 -36.99
C ASP A 286 -7.93 -13.28 -37.10
N THR A 287 -7.34 -12.52 -36.19
CA THR A 287 -7.55 -11.05 -36.02
C THR A 287 -6.31 -10.25 -36.47
N ARG A 288 -5.39 -10.86 -37.22
CA ARG A 288 -4.15 -10.18 -37.68
C ARG A 288 -4.53 -9.07 -38.66
N ASP A 289 -5.54 -9.31 -39.51
CA ASP A 289 -5.99 -8.39 -40.59
C ASP A 289 -7.32 -7.73 -40.21
N LEU A 290 -7.62 -7.57 -38.91
CA LEU A 290 -8.91 -7.06 -38.39
C LEU A 290 -9.18 -5.65 -38.91
N ILE A 291 -8.13 -4.85 -39.13
CA ILE A 291 -8.25 -3.46 -39.66
C ILE A 291 -8.80 -3.49 -41.10
N ASN A 292 -8.82 -4.66 -41.76
CA ASN A 292 -9.46 -4.85 -43.10
C ASN A 292 -10.96 -5.18 -42.96
N ARG A 293 -11.48 -5.27 -41.72
CA ARG A 293 -12.93 -5.38 -41.41
C ARG A 293 -13.32 -4.20 -40.53
N PRO A 294 -13.37 -2.97 -41.09
CA PRO A 294 -13.49 -1.74 -40.29
C PRO A 294 -14.75 -1.65 -39.41
N MET A 295 -15.88 -2.18 -39.90
N MET A 295 -15.88 -2.19 -39.90
CA MET A 295 -17.16 -2.32 -39.14
CA MET A 295 -17.13 -2.27 -39.11
C MET A 295 -16.89 -3.10 -37.85
C MET A 295 -16.89 -3.10 -37.85
N GLU A 296 -16.33 -4.31 -37.99
CA GLU A 296 -16.03 -5.22 -36.86
C GLU A 296 -14.98 -4.60 -35.93
N PHE A 297 -13.94 -4.00 -36.52
CA PHE A 297 -12.79 -3.41 -35.78
C PHE A 297 -13.29 -2.26 -34.88
N ILE A 298 -13.90 -1.23 -35.47
CA ILE A 298 -14.36 -0.02 -34.74
C ILE A 298 -15.56 -0.40 -33.88
N GLY A 299 -16.49 -1.18 -34.44
CA GLY A 299 -17.70 -1.64 -33.73
C GLY A 299 -17.40 -2.29 -32.39
N ASN A 300 -16.52 -3.30 -32.39
CA ASN A 300 -16.25 -4.12 -31.18
C ASN A 300 -15.30 -3.36 -30.25
N LEU A 301 -14.47 -2.44 -30.77
CA LEU A 301 -13.66 -1.53 -29.93
C LEU A 301 -14.57 -0.55 -29.19
N ALA A 302 -15.56 0.02 -29.90
CA ALA A 302 -16.61 0.91 -29.34
C ALA A 302 -17.44 0.13 -28.31
N LEU A 303 -17.82 -1.10 -28.62
CA LEU A 303 -18.58 -2.00 -27.71
C LEU A 303 -17.84 -2.12 -26.37
N LEU A 304 -16.53 -2.39 -26.40
CA LEU A 304 -15.76 -2.62 -25.15
C LEU A 304 -15.75 -1.35 -24.28
N ILE A 305 -15.58 -0.17 -24.88
CA ILE A 305 -15.46 1.12 -24.13
C ILE A 305 -16.84 1.53 -23.60
N VAL A 306 -17.89 1.36 -24.42
CA VAL A 306 -19.30 1.57 -24.00
C VAL A 306 -19.61 0.56 -22.89
N GLY A 307 -19.28 -0.71 -23.13
CA GLY A 307 -19.41 -1.83 -22.19
C GLY A 307 -18.96 -1.49 -20.79
N GLY A 308 -17.75 -0.94 -20.64
CA GLY A 308 -17.09 -0.76 -19.33
C GLY A 308 -17.25 0.64 -18.74
N ASN A 309 -17.76 1.60 -19.51
CA ASN A 309 -17.68 3.04 -19.16
C ASN A 309 -18.62 3.35 -17.99
N ASP A 310 -19.93 3.52 -18.26
CA ASP A 310 -20.95 3.91 -17.25
C ASP A 310 -21.09 2.78 -16.21
N THR A 311 -21.05 1.52 -16.68
CA THR A 311 -21.21 0.30 -15.85
C THR A 311 -20.27 0.39 -14.64
N THR A 312 -18.96 0.42 -14.89
CA THR A 312 -17.91 0.40 -13.83
C THR A 312 -18.02 1.66 -12.98
N ARG A 313 -18.21 2.81 -13.63
CA ARG A 313 -18.28 4.15 -12.98
C ARG A 313 -19.42 4.15 -11.95
N ASN A 314 -20.58 3.64 -12.34
CA ASN A 314 -21.83 3.71 -11.52
C ASN A 314 -21.78 2.62 -10.43
N SER A 315 -21.09 1.50 -10.69
CA SER A 315 -20.75 0.49 -9.66
C SER A 315 -19.87 1.15 -8.58
N MET A 316 -18.89 1.96 -8.99
CA MET A 316 -17.92 2.63 -8.08
C MET A 316 -18.66 3.67 -7.21
N SER A 317 -19.53 4.48 -7.82
CA SER A 317 -20.35 5.51 -7.11
C SER A 317 -21.40 4.81 -6.24
N GLY A 318 -22.16 3.87 -6.83
CA GLY A 318 -23.26 3.14 -6.19
C GLY A 318 -22.82 2.49 -4.89
N GLY A 319 -21.67 1.81 -4.92
CA GLY A 319 -21.08 1.15 -3.75
C GLY A 319 -20.97 2.09 -2.55
N VAL A 320 -20.44 3.30 -2.77
CA VAL A 320 -20.22 4.32 -1.70
C VAL A 320 -21.57 4.74 -1.11
N LEU A 321 -22.57 4.96 -1.96
CA LEU A 321 -23.94 5.36 -1.53
C LEU A 321 -24.56 4.21 -0.71
N ALA A 322 -24.51 2.99 -1.23
CA ALA A 322 -25.12 1.78 -0.62
C ALA A 322 -24.59 1.58 0.81
N LEU A 323 -23.31 1.87 1.05
CA LEU A 323 -22.64 1.69 2.37
C LEU A 323 -22.96 2.87 3.30
N ASN A 324 -23.46 3.97 2.75
CA ASN A 324 -23.91 5.16 3.53
C ASN A 324 -25.37 4.97 3.95
N GLN A 325 -26.20 4.42 3.06
CA GLN A 325 -27.64 4.16 3.33
C GLN A 325 -27.77 2.95 4.27
N PHE A 326 -26.72 2.14 4.39
CA PHE A 326 -26.68 0.93 5.26
C PHE A 326 -25.37 0.95 6.04
N PRO A 327 -25.25 1.85 7.06
CA PRO A 327 -23.97 2.10 7.74
C PRO A 327 -23.41 0.89 8.51
N GLU A 328 -24.26 -0.07 8.87
CA GLU A 328 -23.86 -1.31 9.59
C GLU A 328 -23.03 -2.20 8.65
N GLU A 329 -23.32 -2.14 7.35
CA GLU A 329 -22.61 -2.93 6.30
C GLU A 329 -21.16 -2.46 6.17
N PHE A 330 -20.91 -1.16 6.38
CA PHE A 330 -19.55 -0.55 6.29
C PHE A 330 -18.75 -0.94 7.54
N ILE A 331 -19.36 -0.84 8.73
CA ILE A 331 -18.76 -1.29 10.01
C ILE A 331 -18.33 -2.77 9.85
N LYS A 332 -19.22 -3.59 9.31
CA LYS A 332 -19.02 -5.06 9.06
C LYS A 332 -17.89 -5.27 8.04
N LEU A 333 -17.79 -4.44 7.00
CA LEU A 333 -16.75 -4.55 5.93
C LEU A 333 -15.35 -4.28 6.51
N LYS A 334 -15.23 -3.30 7.42
CA LYS A 334 -13.95 -2.90 8.04
C LYS A 334 -13.45 -4.02 8.96
N LYS A 335 -14.35 -4.60 9.76
CA LYS A 335 -14.03 -5.70 10.70
C LYS A 335 -13.70 -6.99 9.93
N ASN A 336 -14.19 -7.13 8.69
CA ASN A 336 -14.09 -8.37 7.87
C ASN A 336 -13.76 -8.03 6.42
N PRO A 337 -12.58 -7.46 6.12
CA PRO A 337 -12.25 -7.05 4.74
C PRO A 337 -12.11 -8.21 3.75
N GLU A 338 -12.19 -9.45 4.22
CA GLU A 338 -12.24 -10.67 3.37
C GLU A 338 -13.62 -10.78 2.71
N LEU A 339 -14.56 -9.90 3.08
CA LEU A 339 -15.93 -9.80 2.50
C LEU A 339 -15.94 -9.00 1.19
N ILE A 340 -14.84 -8.32 0.86
CA ILE A 340 -14.78 -7.38 -0.32
C ILE A 340 -15.29 -8.09 -1.56
N PRO A 341 -14.78 -9.29 -1.93
CA PRO A 341 -15.21 -9.95 -3.17
C PRO A 341 -16.73 -10.13 -3.27
N ASN A 342 -17.36 -10.61 -2.19
CA ASN A 342 -18.82 -10.86 -2.15
C ASN A 342 -19.56 -9.51 -2.14
N MET A 343 -19.02 -8.51 -1.44
CA MET A 343 -19.59 -7.13 -1.40
C MET A 343 -19.65 -6.56 -2.82
N VAL A 344 -18.62 -6.79 -3.63
CA VAL A 344 -18.55 -6.33 -5.05
C VAL A 344 -19.73 -6.94 -5.81
N SER A 345 -20.04 -8.21 -5.56
CA SER A 345 -21.23 -8.89 -6.16
C SER A 345 -22.52 -8.20 -5.70
N GLU A 346 -22.61 -7.87 -4.41
CA GLU A 346 -23.82 -7.29 -3.77
C GLU A 346 -24.03 -5.84 -4.24
N ILE A 347 -22.94 -5.07 -4.33
CA ILE A 347 -22.96 -3.68 -4.87
C ILE A 347 -23.51 -3.71 -6.31
N ILE A 348 -23.01 -4.62 -7.16
CA ILE A 348 -23.42 -4.76 -8.59
C ILE A 348 -24.89 -5.22 -8.69
N ARG A 349 -25.33 -6.14 -7.82
CA ARG A 349 -26.76 -6.53 -7.72
C ARG A 349 -27.60 -5.30 -7.36
N TRP A 350 -27.18 -4.58 -6.31
CA TRP A 350 -27.95 -3.46 -5.68
C TRP A 350 -28.03 -2.26 -6.63
N GLN A 351 -26.90 -1.90 -7.26
CA GLN A 351 -26.85 -0.80 -8.26
C GLN A 351 -27.59 -1.23 -9.52
N THR A 352 -27.33 -2.43 -10.03
CA THR A 352 -27.70 -2.90 -11.41
C THR A 352 -27.44 -1.78 -12.41
N PRO A 353 -26.16 -1.44 -12.69
CA PRO A 353 -25.83 -0.29 -13.53
C PRO A 353 -26.58 -0.20 -14.88
N LEU A 354 -26.85 -1.33 -15.53
CA LEU A 354 -27.69 -1.38 -16.75
C LEU A 354 -29.07 -1.91 -16.36
N ALA A 355 -30.08 -1.03 -16.46
CA ALA A 355 -31.48 -1.25 -16.03
C ALA A 355 -32.09 -2.39 -16.84
N HIS A 356 -31.74 -2.49 -18.12
CA HIS A 356 -32.43 -3.40 -19.07
C HIS A 356 -31.50 -3.78 -20.22
N MET A 357 -31.96 -4.74 -21.02
CA MET A 357 -31.46 -5.10 -22.37
C MET A 357 -32.67 -5.51 -23.20
N ARG A 358 -32.65 -5.23 -24.49
CA ARG A 358 -33.82 -5.37 -25.38
C ARG A 358 -33.58 -6.56 -26.32
N ARG A 359 -34.67 -7.21 -26.75
CA ARG A 359 -34.68 -8.37 -27.67
C ARG A 359 -35.89 -8.24 -28.58
N VAL A 360 -35.90 -8.95 -29.71
CA VAL A 360 -37.06 -9.02 -30.64
C VAL A 360 -37.49 -10.48 -30.73
N ALA A 361 -38.74 -10.79 -30.41
CA ALA A 361 -39.32 -12.14 -30.57
C ALA A 361 -39.18 -12.54 -32.05
N THR A 362 -38.61 -13.71 -32.33
CA THR A 362 -38.39 -14.26 -33.69
C THR A 362 -39.62 -15.04 -34.16
N GLN A 363 -40.52 -15.33 -33.24
CA GLN A 363 -41.80 -16.07 -33.46
C GLN A 363 -42.74 -15.73 -32.30
N ASP A 364 -43.98 -16.21 -32.34
CA ASP A 364 -44.93 -16.08 -31.20
C ASP A 364 -44.37 -16.88 -30.02
N VAL A 365 -44.35 -16.30 -28.83
CA VAL A 365 -43.83 -16.98 -27.60
C VAL A 365 -44.81 -16.74 -26.45
N GLU A 366 -45.24 -17.83 -25.82
CA GLU A 366 -46.10 -17.83 -24.61
C GLU A 366 -45.19 -17.58 -23.41
N LEU A 367 -45.56 -16.67 -22.52
CA LEU A 367 -44.80 -16.36 -21.28
C LEU A 367 -45.77 -15.86 -20.20
N ARG A 368 -45.93 -16.65 -19.14
CA ARG A 368 -46.79 -16.38 -17.96
C ARG A 368 -48.18 -15.91 -18.40
N GLY A 369 -48.75 -16.58 -19.41
CA GLY A 369 -50.14 -16.38 -19.85
C GLY A 369 -50.29 -15.30 -20.90
N GLN A 370 -49.19 -14.67 -21.32
CA GLN A 370 -49.17 -13.61 -22.36
C GLN A 370 -48.54 -14.18 -23.62
N THR A 371 -49.01 -13.73 -24.78
CA THR A 371 -48.46 -14.14 -26.10
C THR A 371 -47.70 -12.93 -26.69
N ILE A 372 -46.38 -12.97 -26.61
CA ILE A 372 -45.47 -12.00 -27.28
C ILE A 372 -45.40 -12.39 -28.77
N LYS A 373 -45.74 -11.46 -29.65
CA LYS A 373 -45.91 -11.71 -31.10
C LYS A 373 -44.58 -11.51 -31.82
N LYS A 374 -44.35 -12.30 -32.88
CA LYS A 374 -43.18 -12.16 -33.79
C LYS A 374 -42.99 -10.68 -34.10
N GLY A 375 -41.83 -10.12 -33.74
CA GLY A 375 -41.41 -8.76 -34.11
C GLY A 375 -41.52 -7.80 -32.94
N ASP A 376 -42.13 -8.22 -31.83
CA ASP A 376 -42.33 -7.36 -30.63
C ASP A 376 -41.00 -7.15 -29.92
N ARG A 377 -40.72 -5.91 -29.52
CA ARG A 377 -39.57 -5.53 -28.68
C ARG A 377 -39.88 -5.93 -27.23
N VAL A 378 -38.90 -6.56 -26.55
CA VAL A 378 -39.01 -7.11 -25.16
C VAL A 378 -37.84 -6.55 -24.35
N LEU A 379 -38.13 -5.82 -23.26
CA LEU A 379 -37.13 -5.38 -22.27
C LEU A 379 -37.06 -6.42 -21.15
N MET A 380 -35.84 -6.92 -20.87
CA MET A 380 -35.53 -7.68 -19.64
C MET A 380 -35.08 -6.67 -18.60
N TRP A 381 -35.92 -6.34 -17.63
CA TRP A 381 -35.63 -5.30 -16.61
C TRP A 381 -34.80 -5.92 -15.48
N TYR A 382 -33.49 -6.02 -15.69
CA TYR A 382 -32.51 -6.56 -14.70
C TYR A 382 -32.67 -5.79 -13.39
N ALA A 383 -32.93 -4.49 -13.45
CA ALA A 383 -33.09 -3.60 -12.27
C ALA A 383 -34.29 -4.07 -11.43
N SER A 384 -35.25 -4.75 -12.04
CA SER A 384 -36.44 -5.34 -11.37
C SER A 384 -36.10 -6.71 -10.80
N GLY A 385 -35.55 -7.62 -11.64
CA GLY A 385 -35.09 -8.97 -11.26
C GLY A 385 -34.21 -8.97 -10.01
N ASN A 386 -33.24 -8.06 -9.91
CA ASN A 386 -32.29 -7.99 -8.76
C ASN A 386 -32.98 -7.44 -7.51
N ARG A 387 -34.21 -6.93 -7.62
CA ARG A 387 -35.03 -6.46 -6.46
C ARG A 387 -36.22 -7.42 -6.25
N ASP A 388 -36.29 -8.53 -7.00
CA ASP A 388 -37.40 -9.53 -6.92
C ASP A 388 -37.24 -10.36 -5.64
N GLU A 389 -38.13 -10.16 -4.66
CA GLU A 389 -38.13 -10.89 -3.36
C GLU A 389 -38.34 -12.40 -3.58
N ARG A 390 -38.77 -12.81 -4.79
CA ARG A 390 -38.90 -14.24 -5.17
C ARG A 390 -37.51 -14.90 -5.27
N LYS A 391 -36.43 -14.12 -5.41
CA LYS A 391 -35.03 -14.62 -5.45
C LYS A 391 -34.26 -14.14 -4.20
N PHE A 392 -34.27 -12.83 -3.95
CA PHE A 392 -33.46 -12.15 -2.90
C PHE A 392 -34.36 -11.69 -1.76
N GLU A 393 -34.32 -12.41 -0.63
CA GLU A 393 -34.97 -12.00 0.64
C GLU A 393 -34.41 -10.62 1.00
N ASN A 394 -35.28 -9.67 1.35
CA ASN A 394 -34.91 -8.26 1.68
C ASN A 394 -34.17 -7.63 0.50
N PRO A 395 -34.76 -7.67 -0.72
CA PRO A 395 -34.02 -7.36 -1.95
C PRO A 395 -33.53 -5.90 -2.06
N ASP A 396 -34.08 -5.00 -1.24
CA ASP A 396 -33.76 -3.54 -1.29
C ASP A 396 -32.62 -3.22 -0.31
N GLN A 397 -32.26 -4.16 0.56
CA GLN A 397 -31.19 -3.97 1.57
C GLN A 397 -29.84 -4.38 0.95
N LEU A 398 -28.80 -3.58 1.20
CA LEU A 398 -27.39 -3.98 0.96
C LEU A 398 -27.00 -4.93 2.09
N ILE A 399 -26.72 -6.19 1.76
CA ILE A 399 -26.21 -7.24 2.71
C ILE A 399 -24.93 -7.79 2.09
N ILE A 400 -23.77 -7.33 2.56
CA ILE A 400 -22.46 -7.57 1.87
C ILE A 400 -22.06 -9.04 1.99
N ASP A 401 -22.59 -9.77 2.98
CA ASP A 401 -22.36 -11.24 3.16
C ASP A 401 -23.55 -12.03 2.61
N ARG A 402 -24.36 -11.45 1.72
CA ARG A 402 -25.47 -12.16 1.03
C ARG A 402 -24.89 -13.33 0.23
N LYS A 403 -25.25 -14.56 0.61
CA LYS A 403 -24.58 -15.81 0.15
C LYS A 403 -24.86 -16.06 -1.34
N ASP A 404 -25.96 -15.56 -1.89
CA ASP A 404 -26.31 -15.76 -3.33
C ASP A 404 -26.21 -14.43 -4.11
N ALA A 405 -25.54 -13.42 -3.54
CA ALA A 405 -25.22 -12.14 -4.21
C ALA A 405 -24.75 -12.41 -5.64
N ARG A 406 -23.93 -13.45 -5.85
CA ARG A 406 -23.31 -13.78 -7.17
C ARG A 406 -24.36 -14.29 -8.16
N ASN A 407 -25.58 -14.60 -7.70
CA ASN A 407 -26.68 -15.06 -8.59
C ASN A 407 -27.43 -13.85 -9.20
N HIS A 408 -27.00 -12.62 -8.91
CA HIS A 408 -27.57 -11.38 -9.53
C HIS A 408 -27.53 -11.51 -11.05
N ILE A 409 -28.31 -10.68 -11.75
CA ILE A 409 -28.45 -10.72 -13.23
C ILE A 409 -28.03 -9.36 -13.82
N SER A 410 -27.26 -8.57 -13.08
CA SER A 410 -26.65 -7.29 -13.55
C SER A 410 -25.77 -7.54 -14.79
N PHE A 411 -25.14 -8.72 -14.90
CA PHE A 411 -24.30 -9.13 -16.07
C PHE A 411 -25.12 -9.93 -17.08
N GLY A 412 -26.40 -10.16 -16.80
CA GLY A 412 -27.29 -10.99 -17.63
C GLY A 412 -27.03 -12.47 -17.42
N TYR A 413 -27.26 -13.27 -18.46
CA TYR A 413 -27.39 -14.75 -18.41
C TYR A 413 -27.41 -15.28 -19.84
N GLY A 414 -26.68 -16.37 -20.11
CA GLY A 414 -26.62 -17.01 -21.43
C GLY A 414 -25.42 -16.53 -22.24
N ILE A 415 -25.49 -16.70 -23.56
CA ILE A 415 -24.36 -16.49 -24.52
C ILE A 415 -23.89 -15.03 -24.50
N HIS A 416 -24.73 -14.07 -24.11
CA HIS A 416 -24.37 -12.63 -24.08
C HIS A 416 -23.98 -12.19 -22.67
N ARG A 417 -23.79 -13.12 -21.73
CA ARG A 417 -23.38 -12.74 -20.34
C ARG A 417 -22.13 -11.83 -20.44
N CYS A 418 -22.07 -10.80 -19.59
CA CYS A 418 -21.07 -9.70 -19.68
C CYS A 418 -19.66 -10.28 -19.94
N MET A 419 -18.99 -9.81 -20.99
CA MET A 419 -17.64 -10.31 -21.34
C MET A 419 -16.60 -9.72 -20.38
N GLY A 420 -16.89 -8.55 -19.78
CA GLY A 420 -15.98 -7.81 -18.88
C GLY A 420 -16.30 -8.00 -17.41
N ASN A 421 -17.11 -9.01 -17.06
CA ASN A 421 -17.47 -9.28 -15.64
C ASN A 421 -16.20 -9.30 -14.79
N ARG A 422 -15.18 -10.03 -15.22
CA ARG A 422 -13.96 -10.28 -14.40
C ARG A 422 -13.21 -8.95 -14.23
N LEU A 423 -13.17 -8.13 -15.28
CA LEU A 423 -12.52 -6.80 -15.24
C LEU A 423 -13.27 -5.88 -14.26
N ALA A 424 -14.60 -5.84 -14.36
CA ALA A 424 -15.47 -5.03 -13.48
C ALA A 424 -15.19 -5.38 -12.03
N GLU A 425 -15.24 -6.67 -11.70
CA GLU A 425 -15.08 -7.19 -10.31
C GLU A 425 -13.67 -6.84 -9.81
N LEU A 426 -12.66 -7.00 -10.67
CA LEU A 426 -11.23 -6.66 -10.38
C LEU A 426 -11.12 -5.19 -9.96
N GLN A 427 -11.66 -4.27 -10.77
CA GLN A 427 -11.51 -2.80 -10.57
C GLN A 427 -12.16 -2.39 -9.23
N LEU A 428 -13.32 -2.97 -8.90
CA LEU A 428 -14.08 -2.63 -7.68
C LEU A 428 -13.41 -3.23 -6.45
N ARG A 429 -12.93 -4.49 -6.57
N ARG A 429 -12.94 -4.48 -6.58
CA ARG A 429 -12.14 -5.18 -5.53
CA ARG A 429 -12.14 -5.17 -5.53
C ARG A 429 -10.91 -4.32 -5.21
C ARG A 429 -10.91 -4.32 -5.22
N ILE A 430 -10.15 -3.94 -6.26
CA ILE A 430 -8.94 -3.09 -6.16
C ILE A 430 -9.33 -1.76 -5.51
N LEU A 431 -10.34 -1.07 -6.03
CA LEU A 431 -10.79 0.23 -5.47
C LEU A 431 -10.98 0.07 -3.96
N TRP A 432 -11.74 -0.94 -3.53
CA TRP A 432 -12.19 -1.10 -2.13
C TRP A 432 -11.05 -1.56 -1.22
N GLU A 433 -10.16 -2.43 -1.71
CA GLU A 433 -8.89 -2.79 -1.00
C GLU A 433 -8.10 -1.52 -0.71
N GLU A 434 -7.88 -0.67 -1.73
CA GLU A 434 -7.08 0.57 -1.64
C GLU A 434 -7.80 1.61 -0.75
N LEU A 435 -9.13 1.65 -0.77
CA LEU A 435 -9.92 2.61 0.04
C LEU A 435 -9.75 2.31 1.52
N LEU A 436 -9.92 1.05 1.91
CA LEU A 436 -9.92 0.60 3.34
C LEU A 436 -8.53 0.78 3.94
N LYS A 437 -7.47 0.60 3.15
CA LYS A 437 -6.06 0.87 3.54
C LYS A 437 -5.92 2.32 4.01
N ARG A 438 -6.61 3.26 3.35
CA ARG A 438 -6.35 4.71 3.47
C ARG A 438 -7.38 5.40 4.39
N PHE A 439 -8.66 5.02 4.30
CA PHE A 439 -9.78 5.82 4.86
C PHE A 439 -10.51 5.02 5.94
N ASP A 440 -10.85 5.72 7.03
CA ASP A 440 -11.60 5.21 8.21
C ASP A 440 -13.10 5.39 7.97
N ASN A 441 -13.50 6.45 7.26
CA ASN A 441 -14.93 6.75 6.93
C ASN A 441 -15.03 7.40 5.54
N ILE A 442 -16.12 7.08 4.83
CA ILE A 442 -16.52 7.66 3.51
C ILE A 442 -17.96 8.15 3.64
N GLU A 443 -18.15 9.45 3.95
CA GLU A 443 -19.45 10.06 4.33
C GLU A 443 -20.05 10.78 3.11
N VAL A 444 -21.14 10.25 2.55
CA VAL A 444 -21.94 10.91 1.47
C VAL A 444 -22.70 12.08 2.11
N VAL A 445 -22.52 13.30 1.57
CA VAL A 445 -23.20 14.54 2.04
C VAL A 445 -24.19 15.01 0.97
N GLY A 446 -25.28 15.65 1.37
CA GLY A 446 -26.35 16.10 0.46
C GLY A 446 -27.07 14.93 -0.19
N GLU A 447 -27.75 15.17 -1.31
CA GLU A 447 -28.54 14.15 -2.05
C GLU A 447 -27.81 13.83 -3.35
N PRO A 448 -27.60 12.54 -3.68
CA PRO A 448 -27.05 12.16 -4.98
C PRO A 448 -27.93 12.68 -6.12
N GLU A 449 -27.31 13.31 -7.12
CA GLU A 449 -27.98 13.68 -8.39
C GLU A 449 -27.81 12.50 -9.35
N ARG A 450 -28.92 12.06 -9.97
CA ARG A 450 -28.98 10.84 -10.81
C ARG A 450 -29.15 11.24 -12.28
N VAL A 451 -28.63 10.40 -13.16
CA VAL A 451 -28.56 10.60 -14.64
C VAL A 451 -29.93 10.32 -15.25
N GLN A 452 -30.29 11.08 -16.29
CA GLN A 452 -31.50 10.87 -17.12
C GLN A 452 -31.20 9.74 -18.12
N SER A 453 -31.92 8.61 -18.00
CA SER A 453 -31.82 7.43 -18.91
C SER A 453 -32.87 6.40 -18.49
N ASN A 454 -33.30 5.55 -19.43
CA ASN A 454 -34.11 4.36 -19.14
C ASN A 454 -33.20 3.11 -19.16
N PHE A 455 -31.89 3.32 -19.35
CA PHE A 455 -30.91 2.23 -19.64
C PHE A 455 -29.81 2.24 -18.58
N VAL A 456 -29.14 3.38 -18.43
CA VAL A 456 -28.07 3.60 -17.41
C VAL A 456 -28.73 4.00 -16.09
N ARG A 457 -28.43 3.26 -15.02
CA ARG A 457 -28.72 3.67 -13.63
C ARG A 457 -27.42 4.24 -13.04
N GLY A 458 -27.26 5.56 -13.11
CA GLY A 458 -25.98 6.24 -12.81
C GLY A 458 -26.16 7.52 -12.01
N TYR A 459 -25.04 8.05 -11.50
CA TYR A 459 -24.95 9.31 -10.72
C TYR A 459 -24.07 10.31 -11.47
N SER A 460 -24.49 11.57 -11.48
CA SER A 460 -23.74 12.73 -12.04
C SER A 460 -23.05 13.49 -10.89
N LYS A 461 -23.63 13.46 -9.69
CA LYS A 461 -23.01 14.06 -8.47
C LYS A 461 -23.23 13.14 -7.26
N LEU A 462 -22.15 12.89 -6.52
CA LEU A 462 -22.16 12.16 -5.23
C LEU A 462 -21.10 12.81 -4.33
N MET A 463 -21.53 13.76 -3.50
CA MET A 463 -20.62 14.54 -2.62
C MET A 463 -20.17 13.63 -1.47
N VAL A 464 -18.86 13.50 -1.31
CA VAL A 464 -18.19 12.57 -0.35
C VAL A 464 -17.18 13.36 0.49
N LYS A 465 -17.19 13.13 1.81
CA LYS A 465 -16.17 13.61 2.77
C LYS A 465 -15.39 12.38 3.27
N LEU A 466 -14.07 12.38 3.09
CA LEU A 466 -13.16 11.28 3.52
C LEU A 466 -12.56 11.63 4.88
N THR A 467 -12.44 10.61 5.75
CA THR A 467 -11.66 10.64 7.02
C THR A 467 -10.50 9.66 6.88
N ALA A 468 -9.31 10.05 7.34
CA ALA A 468 -8.05 9.27 7.19
C ALA A 468 -7.93 8.28 8.37
N LYS A 469 -7.25 7.15 8.15
CA LYS A 469 -6.99 6.13 9.20
C LYS A 469 -5.89 6.64 10.14
N GLN B 49 31.36 21.93 12.61
CA GLN B 49 31.22 20.77 11.66
C GLN B 49 32.37 20.77 10.66
N VAL B 50 32.93 19.58 10.40
CA VAL B 50 34.11 19.36 9.50
C VAL B 50 33.72 18.30 8.48
N LYS B 51 34.00 18.54 7.20
CA LYS B 51 33.89 17.52 6.12
C LYS B 51 35.17 16.68 6.13
N PHE B 52 35.17 15.58 6.90
CA PHE B 52 36.28 14.58 6.97
C PHE B 52 36.55 14.04 5.56
N LEU B 53 37.79 14.14 5.09
CA LEU B 53 38.22 13.64 3.75
C LEU B 53 38.94 12.31 3.93
N GLU B 54 38.57 11.31 3.14
CA GLU B 54 39.10 9.92 3.27
C GLU B 54 40.51 9.87 2.67
N ARG B 55 41.52 9.69 3.52
CA ARG B 55 42.91 9.31 3.14
C ARG B 55 43.11 7.83 3.45
N PRO B 56 43.92 7.08 2.66
CA PRO B 56 44.24 5.70 3.01
C PRO B 56 44.81 5.66 4.44
N VAL B 57 44.21 4.84 5.30
CA VAL B 57 44.65 4.69 6.72
C VAL B 57 45.93 3.84 6.71
N PRO B 58 46.98 4.26 7.45
CA PRO B 58 48.24 3.53 7.47
C PRO B 58 48.15 2.20 8.24
N ASP B 59 48.81 1.15 7.72
CA ASP B 59 49.16 -0.09 8.47
C ASP B 59 49.63 0.32 9.87
N VAL B 60 49.03 -0.23 10.93
CA VAL B 60 49.21 0.26 12.32
C VAL B 60 50.64 -0.02 12.80
N ASN B 61 51.34 -0.98 12.16
CA ASN B 61 52.73 -1.36 12.49
C ASN B 61 53.71 -0.25 12.06
N THR B 62 53.30 0.67 11.19
CA THR B 62 54.13 1.82 10.71
C THR B 62 53.92 3.06 11.59
N LEU B 63 53.36 2.90 12.80
CA LEU B 63 53.06 4.03 13.73
C LEU B 63 53.67 3.75 15.10
N ALA B 64 54.02 4.81 15.82
CA ALA B 64 54.20 4.77 17.29
C ALA B 64 52.82 4.66 17.93
N LEU B 65 52.73 4.07 19.12
CA LEU B 65 51.48 4.01 19.91
C LEU B 65 50.87 5.41 20.02
N GLU B 66 51.69 6.43 20.31
CA GLU B 66 51.22 7.83 20.57
C GLU B 66 50.45 8.38 19.35
N ASP B 67 50.65 7.80 18.17
CA ASP B 67 50.10 8.28 16.86
C ASP B 67 48.78 7.59 16.52
N ILE B 68 48.44 6.47 17.16
CA ILE B 68 47.20 5.71 16.85
C ILE B 68 46.01 6.58 17.32
N ASP B 69 45.21 7.05 16.36
CA ASP B 69 43.99 7.87 16.59
C ASP B 69 42.78 7.04 16.16
N THR B 70 41.98 6.58 17.13
CA THR B 70 40.81 5.68 16.90
C THR B 70 39.58 6.50 16.50
N SER B 71 39.67 7.84 16.59
CA SER B 71 38.60 8.81 16.22
C SER B 71 38.46 8.89 14.70
N ASN B 72 39.41 8.33 13.95
CA ASN B 72 39.36 8.28 12.47
C ASN B 72 38.09 7.54 12.08
N PRO B 73 37.14 8.19 11.37
CA PRO B 73 35.87 7.56 11.01
C PRO B 73 35.94 6.59 9.83
N PHE B 74 37.12 6.37 9.23
CA PHE B 74 37.30 5.50 8.04
C PHE B 74 37.95 4.17 8.44
N LEU B 75 38.22 3.96 9.74
CA LEU B 75 38.86 2.73 10.26
C LEU B 75 37.97 1.53 9.91
N TYR B 76 36.66 1.65 10.16
CA TYR B 76 35.70 0.54 9.92
C TYR B 76 35.62 0.28 8.41
N ARG B 77 35.42 1.34 7.62
CA ARG B 77 35.26 1.26 6.15
C ARG B 77 36.47 0.55 5.52
N GLN B 78 37.69 0.87 5.97
CA GLN B 78 38.95 0.41 5.32
C GLN B 78 39.44 -0.90 5.94
N ASP B 79 38.72 -1.47 6.90
CA ASP B 79 39.00 -2.79 7.52
C ASP B 79 40.34 -2.73 8.29
N GLN B 80 40.61 -1.60 8.92
CA GLN B 80 41.84 -1.36 9.73
C GLN B 80 41.51 -1.41 11.22
N TRP B 81 40.23 -1.20 11.59
CA TRP B 81 39.76 -1.18 13.01
C TRP B 81 40.32 -2.39 13.77
N GLY B 82 40.29 -3.58 13.16
CA GLY B 82 40.66 -4.86 13.80
C GLY B 82 42.11 -4.87 14.26
N ALA B 83 43.03 -4.59 13.33
CA ALA B 83 44.49 -4.52 13.55
C ALA B 83 44.81 -3.40 14.53
N TYR B 84 44.17 -2.24 14.40
CA TYR B 84 44.37 -1.06 15.27
C TYR B 84 44.02 -1.42 16.71
N PHE B 85 42.90 -2.10 16.91
CA PHE B 85 42.35 -2.44 18.27
C PHE B 85 43.16 -3.61 18.85
N LYS B 86 43.60 -4.57 18.03
CA LYS B 86 44.47 -5.69 18.48
C LYS B 86 45.77 -5.12 19.08
N ARG B 87 46.39 -4.17 18.39
CA ARG B 87 47.67 -3.58 18.85
C ARG B 87 47.44 -2.80 20.14
N LEU B 88 46.34 -2.07 20.28
CA LEU B 88 46.05 -1.31 21.53
C LEU B 88 45.80 -2.29 22.68
N ARG B 89 45.00 -3.32 22.42
CA ARG B 89 44.65 -4.38 23.42
C ARG B 89 45.94 -4.95 24.01
N ASP B 90 46.91 -5.27 23.15
CA ASP B 90 48.15 -6.01 23.50
C ASP B 90 49.20 -5.06 24.12
N GLU B 91 49.36 -3.84 23.59
CA GLU B 91 50.52 -2.95 23.89
C GLU B 91 50.11 -1.68 24.65
N ALA B 92 48.84 -1.25 24.57
CA ALA B 92 48.35 -0.01 25.21
C ALA B 92 46.85 -0.09 25.42
N PRO B 93 46.38 -1.01 26.29
CA PRO B 93 44.95 -1.25 26.44
C PRO B 93 44.23 -0.07 27.11
N VAL B 94 44.99 0.80 27.80
CA VAL B 94 44.50 2.13 28.29
C VAL B 94 45.38 3.23 27.68
N HIS B 95 45.00 3.74 26.51
CA HIS B 95 45.83 4.56 25.59
C HIS B 95 45.30 6.00 25.53
N PHE B 96 46.20 6.99 25.66
CA PHE B 96 45.89 8.44 25.57
C PHE B 96 46.31 8.94 24.19
N GLN B 97 45.38 9.50 23.43
CA GLN B 97 45.63 10.25 22.17
C GLN B 97 45.54 11.75 22.51
N LYS B 98 46.68 12.45 22.53
CA LYS B 98 46.76 13.84 23.08
C LYS B 98 46.22 14.82 22.04
N SER B 99 46.16 14.43 20.76
CA SER B 99 45.75 15.31 19.66
C SER B 99 44.90 14.55 18.63
N SER B 100 43.71 15.08 18.34
CA SER B 100 42.77 14.59 17.30
C SER B 100 41.84 15.75 16.88
N GLN B 101 41.04 15.52 15.84
CA GLN B 101 39.97 16.46 15.40
C GLN B 101 39.03 16.77 16.58
N PHE B 102 38.90 15.86 17.56
CA PHE B 102 37.91 15.93 18.66
C PHE B 102 38.55 16.33 20.00
N GLY B 103 39.83 16.71 19.99
CA GLY B 103 40.62 17.01 21.20
C GLY B 103 41.28 15.74 21.76
N PRO B 104 41.84 15.81 22.99
CA PRO B 104 42.46 14.65 23.62
C PRO B 104 41.44 13.64 24.22
N PHE B 105 41.67 12.34 24.05
CA PHE B 105 40.80 11.27 24.59
C PHE B 105 41.59 9.97 24.86
N TRP B 106 41.11 9.21 25.84
CA TRP B 106 41.61 7.85 26.18
C TRP B 106 40.78 6.81 25.41
N SER B 107 41.42 5.72 24.99
CA SER B 107 40.78 4.50 24.44
C SER B 107 41.01 3.33 25.41
N VAL B 108 39.93 2.67 25.84
CA VAL B 108 39.91 1.42 26.65
C VAL B 108 39.36 0.32 25.74
N THR B 109 40.15 -0.71 25.48
CA THR B 109 39.95 -1.66 24.34
C THR B 109 39.83 -3.11 24.81
N ARG B 110 40.13 -3.40 26.08
CA ARG B 110 40.03 -4.77 26.66
C ARG B 110 38.62 -5.00 27.20
N TYR B 111 38.01 -6.13 26.84
CA TYR B 111 36.73 -6.61 27.41
C TYR B 111 36.70 -6.29 28.90
N GLU B 112 37.66 -6.83 29.65
CA GLU B 112 37.77 -6.70 31.12
C GLU B 112 37.66 -5.24 31.55
N ASP B 113 38.38 -4.34 30.87
CA ASP B 113 38.53 -2.93 31.31
C ASP B 113 37.26 -2.16 30.96
N ILE B 114 36.62 -2.49 29.84
CA ILE B 114 35.32 -1.91 29.42
C ILE B 114 34.30 -2.17 30.53
N LEU B 115 34.24 -3.40 31.08
CA LEU B 115 33.31 -3.76 32.20
C LEU B 115 33.58 -2.85 33.39
N PHE B 116 34.85 -2.60 33.73
CA PHE B 116 35.24 -1.77 34.89
C PHE B 116 34.68 -0.35 34.69
N VAL B 117 34.95 0.24 33.54
CA VAL B 117 34.59 1.66 33.22
C VAL B 117 33.06 1.78 33.16
N ASP B 118 32.41 0.91 32.38
CA ASP B 118 30.94 0.90 32.16
C ASP B 118 30.24 0.75 33.51
N LYS B 119 30.74 -0.13 34.38
CA LYS B 119 30.15 -0.43 35.72
C LYS B 119 30.27 0.78 36.64
N ASN B 120 31.39 1.49 36.61
CA ASN B 120 31.73 2.56 37.58
C ASN B 120 31.25 3.91 37.05
N HIS B 121 29.93 4.11 37.03
CA HIS B 121 29.27 5.38 36.63
C HIS B 121 29.72 6.54 37.53
N GLU B 122 30.05 6.29 38.79
CA GLU B 122 30.44 7.34 39.77
C GLU B 122 31.85 7.86 39.45
N LEU B 123 32.74 7.00 38.95
CA LEU B 123 34.14 7.35 38.56
C LEU B 123 34.13 7.92 37.14
N PHE B 124 33.30 7.35 36.28
CA PHE B 124 33.20 7.64 34.82
C PHE B 124 31.77 8.10 34.51
N SER B 125 31.53 9.41 34.55
CA SER B 125 30.21 10.07 34.32
C SER B 125 29.81 9.91 32.85
N SER B 126 28.51 9.83 32.60
CA SER B 126 27.89 9.78 31.24
C SER B 126 27.55 11.20 30.75
N GLU B 127 27.70 12.20 31.62
CA GLU B 127 27.46 13.64 31.33
C GLU B 127 28.76 14.27 30.84
N PRO B 128 28.73 15.27 29.94
CA PRO B 128 27.49 15.76 29.33
C PRO B 128 27.09 15.06 28.02
N GLN B 129 27.96 14.21 27.47
CA GLN B 129 27.70 13.53 26.18
C GLN B 129 28.25 12.11 26.26
N ILE B 130 27.84 11.29 25.31
CA ILE B 130 28.07 9.82 25.29
C ILE B 130 28.77 9.44 23.99
N ILE B 131 28.99 10.42 23.11
CA ILE B 131 29.82 10.29 21.88
C ILE B 131 31.14 11.07 22.11
N LEU B 132 32.16 10.75 21.31
CA LEU B 132 33.52 11.35 21.40
C LEU B 132 33.40 12.87 21.40
N GLY B 133 32.80 13.43 20.35
CA GLY B 133 32.79 14.87 20.05
C GLY B 133 31.70 15.61 20.81
N ASP B 134 31.15 16.65 20.19
CA ASP B 134 30.11 17.52 20.77
C ASP B 134 28.95 17.63 19.79
N PRO B 135 27.74 17.95 20.26
CA PRO B 135 26.61 18.18 19.36
C PRO B 135 26.79 19.54 18.70
N PRO B 136 26.09 19.82 17.57
CA PRO B 136 26.12 21.17 16.99
C PRO B 136 25.77 22.25 18.03
N GLU B 137 26.40 23.41 17.90
CA GLU B 137 26.19 24.59 18.78
C GLU B 137 24.70 24.89 18.91
N GLY B 138 24.16 24.97 20.13
CA GLY B 138 22.76 25.35 20.42
C GLY B 138 21.73 24.26 20.07
N LEU B 139 22.16 23.09 19.59
CA LEU B 139 21.27 21.97 19.19
C LEU B 139 21.46 20.76 20.13
N SER B 140 21.78 21.00 21.40
CA SER B 140 21.94 19.93 22.43
C SER B 140 20.55 19.47 22.90
N VAL B 141 20.36 18.15 23.07
CA VAL B 141 19.08 17.49 23.45
C VAL B 141 19.31 16.63 24.70
N GLU B 142 18.56 16.87 25.78
CA GLU B 142 18.67 16.12 27.06
C GLU B 142 18.11 14.70 26.88
N MET B 143 19.01 13.72 26.82
CA MET B 143 18.71 12.26 26.79
C MET B 143 19.19 11.64 28.11
N PHE B 144 18.47 10.65 28.67
CA PHE B 144 18.84 10.04 29.98
C PHE B 144 20.13 9.22 29.82
N ILE B 145 20.47 8.77 28.61
CA ILE B 145 21.77 8.08 28.30
C ILE B 145 22.94 8.99 28.73
N ALA B 146 22.82 10.30 28.54
CA ALA B 146 23.86 11.30 28.89
C ALA B 146 23.51 11.92 30.25
N MET B 147 23.18 11.07 31.22
CA MET B 147 22.65 11.50 32.53
C MET B 147 23.18 10.55 33.61
N ASP B 148 23.52 11.09 34.78
CA ASP B 148 23.94 10.31 35.96
C ASP B 148 22.72 10.12 36.86
N PRO B 149 22.68 9.07 37.71
CA PRO B 149 21.67 8.97 38.76
C PRO B 149 21.72 10.17 39.71
N PRO B 150 20.63 10.46 40.46
CA PRO B 150 19.37 9.72 40.36
C PRO B 150 18.50 10.09 39.13
N LYS B 151 18.77 11.24 38.51
CA LYS B 151 17.96 11.76 37.37
C LYS B 151 17.83 10.68 36.27
N HIS B 152 18.91 9.96 35.95
CA HIS B 152 18.93 8.91 34.89
C HIS B 152 17.86 7.85 35.18
N ASP B 153 17.80 7.40 36.43
CA ASP B 153 16.95 6.26 36.90
C ASP B 153 15.48 6.63 36.73
N VAL B 154 15.11 7.84 37.18
CA VAL B 154 13.73 8.41 37.09
C VAL B 154 13.26 8.37 35.62
N GLN B 155 14.03 8.95 34.71
CA GLN B 155 13.64 9.10 33.29
C GLN B 155 13.59 7.73 32.62
N ARG B 156 14.48 6.81 32.98
CA ARG B 156 14.51 5.45 32.39
C ARG B 156 13.27 4.66 32.83
N ARG B 157 12.92 4.71 34.11
CA ARG B 157 11.71 4.06 34.70
C ARG B 157 10.45 4.53 33.96
N ALA B 158 10.38 5.82 33.62
CA ALA B 158 9.23 6.46 32.96
C ALA B 158 8.94 5.81 31.59
N VAL B 159 9.94 5.21 30.94
CA VAL B 159 9.83 4.78 29.51
C VAL B 159 10.05 3.27 29.36
N GLN B 160 10.65 2.63 30.37
CA GLN B 160 11.12 1.20 30.35
C GLN B 160 9.99 0.23 29.94
N GLY B 161 8.78 0.42 30.49
CA GLY B 161 7.61 -0.46 30.30
C GLY B 161 7.33 -0.84 28.85
N VAL B 162 7.59 0.04 27.89
CA VAL B 162 7.19 -0.11 26.46
C VAL B 162 7.93 -1.30 25.83
N VAL B 163 9.16 -1.58 26.29
CA VAL B 163 10.02 -2.64 25.68
C VAL B 163 10.21 -3.79 26.69
N ALA B 164 9.48 -3.76 27.81
CA ALA B 164 9.36 -4.90 28.75
C ALA B 164 8.78 -6.09 28.00
N PRO B 165 9.27 -7.34 28.24
CA PRO B 165 8.84 -8.51 27.48
C PRO B 165 7.31 -8.73 27.39
N GLN B 166 6.56 -8.30 28.40
CA GLN B 166 5.07 -8.40 28.46
C GLN B 166 4.48 -7.60 27.30
N ASN B 167 4.94 -6.36 27.14
CA ASN B 167 4.42 -5.40 26.12
C ASN B 167 4.91 -5.82 24.72
N LEU B 168 6.12 -6.40 24.64
CA LEU B 168 6.69 -6.88 23.35
C LEU B 168 5.84 -8.03 22.80
N LYS B 169 5.28 -8.88 23.67
CA LYS B 169 4.35 -9.98 23.28
C LYS B 169 3.15 -9.36 22.54
N GLU B 170 2.63 -8.23 23.03
CA GLU B 170 1.46 -7.53 22.44
C GLU B 170 1.78 -7.05 21.01
N MET B 171 3.05 -6.74 20.71
CA MET B 171 3.49 -6.13 19.42
C MET B 171 3.96 -7.21 18.44
N GLU B 172 4.24 -8.42 18.92
CA GLU B 172 5.00 -9.44 18.16
C GLU B 172 4.30 -9.73 16.82
N GLY B 173 2.98 -9.96 16.85
CA GLY B 173 2.17 -10.28 15.66
C GLY B 173 2.32 -9.22 14.59
N LEU B 174 2.19 -7.94 14.97
CA LEU B 174 2.28 -6.79 14.04
C LEU B 174 3.68 -6.71 13.41
N ILE B 175 4.72 -6.87 14.24
CA ILE B 175 6.14 -6.80 13.80
C ILE B 175 6.41 -7.95 12.81
N ARG B 176 5.87 -9.14 13.10
CA ARG B 176 6.00 -10.33 12.22
C ARG B 176 5.29 -10.06 10.89
N GLN B 177 4.08 -9.47 10.96
CA GLN B 177 3.23 -9.17 9.77
C GLN B 177 3.98 -8.18 8.87
N ARG B 178 4.51 -7.11 9.45
CA ARG B 178 5.22 -6.02 8.71
C ARG B 178 6.52 -6.57 8.13
N ALA B 179 7.12 -7.58 8.76
CA ALA B 179 8.32 -8.29 8.28
C ALA B 179 7.95 -9.14 7.05
N ALA B 180 6.87 -9.93 7.17
CA ALA B 180 6.33 -10.80 6.10
C ALA B 180 6.12 -9.99 4.82
N GLU B 181 5.47 -8.82 4.91
CA GLU B 181 5.14 -7.94 3.77
C GLU B 181 6.41 -7.62 2.99
N VAL B 182 7.44 -7.10 3.67
CA VAL B 182 8.71 -6.63 3.04
C VAL B 182 9.38 -7.83 2.35
N LEU B 183 9.51 -8.95 3.04
CA LEU B 183 10.24 -10.16 2.55
C LEU B 183 9.50 -10.76 1.35
N ASP B 184 8.17 -10.69 1.34
CA ASP B 184 7.32 -11.19 0.21
C ASP B 184 7.46 -10.28 -1.01
N SER B 185 7.99 -9.07 -0.84
CA SER B 185 8.10 -8.02 -1.91
C SER B 185 9.47 -8.07 -2.61
N LEU B 186 10.42 -8.85 -2.11
CA LEU B 186 11.84 -8.81 -2.59
C LEU B 186 12.00 -9.62 -3.87
N PRO B 187 12.73 -9.10 -4.88
CA PRO B 187 12.99 -9.86 -6.11
C PRO B 187 13.92 -11.06 -5.88
N LEU B 188 13.75 -12.10 -6.70
CA LEU B 188 14.55 -13.36 -6.67
C LEU B 188 15.51 -13.38 -7.86
N ASP B 189 16.68 -14.00 -7.69
CA ASP B 189 17.72 -14.18 -8.75
C ASP B 189 18.06 -12.82 -9.40
N LYS B 190 18.06 -11.77 -8.57
CA LYS B 190 18.41 -10.38 -8.94
C LYS B 190 19.03 -9.70 -7.72
N ALA B 191 20.29 -9.27 -7.83
CA ALA B 191 21.00 -8.52 -6.77
C ALA B 191 20.25 -7.19 -6.55
N PHE B 192 19.92 -6.88 -5.30
CA PHE B 192 19.28 -5.60 -4.89
C PHE B 192 19.98 -5.11 -3.61
N ASN B 193 19.86 -3.82 -3.31
CA ASN B 193 20.47 -3.24 -2.08
C ASN B 193 19.59 -3.60 -0.88
N TRP B 194 20.09 -4.50 -0.03
CA TRP B 194 19.44 -5.01 1.21
C TRP B 194 19.21 -3.89 2.22
N VAL B 195 20.07 -2.86 2.21
CA VAL B 195 20.09 -1.80 3.26
C VAL B 195 18.79 -1.01 3.20
N PRO B 196 18.44 -0.35 2.07
CA PRO B 196 17.15 0.34 1.96
C PRO B 196 15.96 -0.63 1.94
N ALA B 197 16.08 -1.77 1.24
CA ALA B 197 14.97 -2.70 0.92
C ALA B 197 14.45 -3.40 2.20
N VAL B 198 15.35 -3.86 3.08
CA VAL B 198 14.98 -4.67 4.27
C VAL B 198 15.37 -3.92 5.55
N SER B 199 16.66 -3.68 5.75
CA SER B 199 17.23 -3.15 7.02
C SER B 199 16.59 -1.81 7.38
N LYS B 200 16.75 -0.80 6.52
CA LYS B 200 16.17 0.56 6.71
C LYS B 200 14.64 0.45 6.80
N GLU B 201 14.02 -0.35 5.93
CA GLU B 201 12.54 -0.52 5.85
C GLU B 201 12.03 -1.09 7.18
N LEU B 202 12.51 -2.29 7.55
CA LEU B 202 12.02 -3.00 8.77
C LEU B 202 12.26 -2.12 10.00
N THR B 203 13.37 -1.37 10.02
CA THR B 203 13.75 -0.51 11.17
C THR B 203 12.76 0.67 11.25
N GLY B 204 12.50 1.36 10.13
CA GLY B 204 11.49 2.42 10.06
C GLY B 204 10.17 1.95 10.64
N ARG B 205 9.70 0.79 10.19
CA ARG B 205 8.41 0.18 10.63
C ARG B 205 8.48 -0.08 12.14
N MET B 206 9.58 -0.62 12.63
CA MET B 206 9.78 -0.96 14.06
C MET B 206 9.59 0.32 14.91
N LEU B 207 10.26 1.41 14.54
CA LEU B 207 10.19 2.71 15.27
C LEU B 207 8.76 3.26 15.23
N ALA B 208 8.09 3.18 14.07
CA ALA B 208 6.68 3.63 13.90
C ALA B 208 5.76 2.78 14.79
N THR B 209 5.98 1.45 14.83
CA THR B 209 5.19 0.50 15.66
C THR B 209 5.30 0.91 17.14
N LEU B 210 6.53 1.18 17.59
CA LEU B 210 6.85 1.46 19.01
C LEU B 210 6.16 2.76 19.47
N LEU B 211 6.17 3.80 18.63
CA LEU B 211 5.67 5.16 18.99
C LEU B 211 4.20 5.33 18.59
N ASP B 212 3.68 4.41 17.77
CA ASP B 212 2.44 4.59 16.98
C ASP B 212 2.52 5.96 16.29
N PHE B 213 3.56 6.14 15.48
CA PHE B 213 3.83 7.36 14.69
C PHE B 213 3.15 7.20 13.34
N PRO B 214 2.53 8.27 12.79
CA PRO B 214 1.93 8.22 11.47
C PRO B 214 2.74 7.33 10.53
N TYR B 215 2.20 6.13 10.24
CA TYR B 215 2.93 5.00 9.60
C TYR B 215 3.61 5.47 8.30
N GLU B 216 2.98 6.38 7.54
CA GLU B 216 3.48 6.77 6.19
C GLU B 216 4.48 7.94 6.30
N GLN B 217 4.65 8.51 7.49
CA GLN B 217 5.71 9.49 7.82
C GLN B 217 6.85 8.82 8.60
N ARG B 218 6.97 7.48 8.54
CA ARG B 218 7.94 6.72 9.37
C ARG B 218 9.38 7.00 8.92
N HIS B 219 9.58 7.46 7.67
CA HIS B 219 10.91 7.85 7.12
C HIS B 219 11.52 9.00 7.93
N LYS B 220 10.69 9.85 8.55
CA LYS B 220 11.15 11.03 9.33
C LYS B 220 11.95 10.57 10.55
N LEU B 221 11.50 9.49 11.21
CA LEU B 221 12.14 8.93 12.43
C LEU B 221 13.56 8.46 12.09
N VAL B 222 13.71 7.73 10.98
CA VAL B 222 15.04 7.30 10.42
C VAL B 222 15.86 8.56 10.09
N ASP B 223 15.30 9.52 9.35
CA ASP B 223 16.02 10.74 8.87
C ASP B 223 16.49 11.59 10.06
N TRP B 224 15.61 11.88 11.03
CA TRP B 224 15.96 12.66 12.27
C TRP B 224 17.07 11.94 13.05
N SER B 225 16.97 10.60 13.16
CA SER B 225 17.92 9.74 13.90
C SER B 225 19.31 9.82 13.25
N ASP B 226 19.37 9.57 11.94
CA ASP B 226 20.59 9.63 11.10
C ASP B 226 21.32 10.97 11.32
N ARG B 227 20.60 12.10 11.32
CA ARG B 227 21.23 13.45 11.34
C ARG B 227 21.61 13.83 12.78
N LEU B 228 20.95 13.25 13.80
CA LEU B 228 21.37 13.44 15.21
C LEU B 228 22.70 12.72 15.48
N SER B 229 22.75 11.42 15.18
CA SER B 229 23.87 10.51 15.54
C SER B 229 25.03 10.58 14.53
N GLY B 230 24.79 11.12 13.33
CA GLY B 230 25.78 11.17 12.23
C GLY B 230 26.38 12.57 12.02
N ALA B 231 26.21 13.47 12.99
CA ALA B 231 26.79 14.84 12.96
C ALA B 231 28.32 14.74 12.98
N SER B 232 29.01 15.37 12.03
CA SER B 232 30.49 15.32 11.92
C SER B 232 31.11 15.72 13.27
N SER B 233 30.56 16.71 13.96
CA SER B 233 31.14 17.24 15.23
C SER B 233 31.08 16.17 16.34
N ALA B 234 30.14 15.24 16.26
CA ALA B 234 29.85 14.26 17.33
C ALA B 234 30.64 12.97 17.11
N THR B 235 30.63 12.44 15.87
CA THR B 235 31.02 11.04 15.56
C THR B 235 31.82 10.93 14.26
N GLY B 236 32.28 12.04 13.69
CA GLY B 236 32.95 12.05 12.37
C GLY B 236 32.05 11.55 11.26
N GLY B 237 30.73 11.66 11.44
CA GLY B 237 29.75 11.31 10.40
C GLY B 237 29.76 12.31 9.25
N GLU B 238 29.03 11.97 8.18
CA GLU B 238 28.97 12.71 6.89
C GLU B 238 28.10 13.98 7.00
N PHE B 239 27.29 14.11 8.05
CA PHE B 239 26.30 15.21 8.20
C PHE B 239 27.01 16.47 8.73
N THR B 240 27.01 17.54 7.93
CA THR B 240 27.67 18.84 8.21
C THR B 240 26.64 19.99 8.28
N ASP B 241 25.44 19.83 7.70
CA ASP B 241 24.42 20.90 7.55
C ASP B 241 23.66 21.10 8.88
N GLU B 242 23.94 22.18 9.61
CA GLU B 242 23.30 22.51 10.90
C GLU B 242 21.94 23.20 10.70
N ASP B 243 21.64 23.72 9.50
CA ASP B 243 20.34 24.37 9.22
C ASP B 243 19.24 23.29 9.30
N ILE B 244 19.41 22.17 8.59
CA ILE B 244 18.42 21.05 8.53
C ILE B 244 18.27 20.39 9.90
N MET B 245 19.28 20.52 10.78
CA MET B 245 19.27 19.97 12.15
C MET B 245 18.35 20.82 13.02
N PHE B 246 18.33 22.14 12.79
CA PHE B 246 17.39 23.09 13.44
C PHE B 246 15.97 22.81 12.95
N ASP B 247 15.83 22.47 11.67
CA ASP B 247 14.55 22.09 11.05
C ASP B 247 14.05 20.81 11.75
N ASP B 248 14.91 19.78 11.83
CA ASP B 248 14.60 18.47 12.46
C ASP B 248 14.11 18.71 13.89
N ALA B 249 14.80 19.54 14.67
CA ALA B 249 14.44 19.88 16.07
C ALA B 249 13.01 20.43 16.12
N ALA B 250 12.67 21.35 15.21
CA ALA B 250 11.34 21.99 15.13
C ALA B 250 10.29 20.95 14.68
N ASP B 251 10.59 20.18 13.64
CA ASP B 251 9.71 19.16 13.01
C ASP B 251 9.41 18.04 14.02
N MET B 252 10.41 17.64 14.80
CA MET B 252 10.34 16.58 15.84
C MET B 252 9.54 17.09 17.05
N ALA B 253 9.80 18.30 17.54
CA ALA B 253 9.06 18.90 18.68
C ALA B 253 7.59 19.08 18.29
N TRP B 254 7.33 19.54 17.06
CA TRP B 254 5.94 19.69 16.55
C TRP B 254 5.24 18.32 16.54
N SER B 255 5.79 17.36 15.79
CA SER B 255 5.14 16.07 15.43
C SER B 255 4.87 15.24 16.69
N PHE B 256 5.78 15.24 17.67
CA PHE B 256 5.65 14.48 18.94
C PHE B 256 4.64 15.17 19.86
N SER B 257 4.63 16.50 19.91
CA SER B 257 3.60 17.28 20.65
C SER B 257 2.21 17.02 20.04
N ARG B 258 2.15 16.92 18.72
CA ARG B 258 0.90 16.64 17.95
C ARG B 258 0.43 15.22 18.27
N LEU B 259 1.35 14.23 18.20
CA LEU B 259 1.05 12.80 18.44
C LEU B 259 0.49 12.63 19.85
N TRP B 260 1.05 13.32 20.84
CA TRP B 260 0.55 13.35 22.24
C TRP B 260 -0.90 13.85 22.27
N ARG B 261 -1.15 15.03 21.70
CA ARG B 261 -2.48 15.70 21.73
C ARG B 261 -3.53 14.82 21.02
N ASP B 262 -3.16 14.25 19.88
N ASP B 262 -3.17 14.22 19.89
CA ASP B 262 -4.03 13.36 19.07
CA ASP B 262 -4.07 13.37 19.07
C ASP B 262 -4.45 12.15 19.92
C ASP B 262 -4.44 12.10 19.86
N LYS B 263 -3.49 11.50 20.57
CA LYS B 263 -3.71 10.33 21.47
C LYS B 263 -4.53 10.76 22.70
N GLU B 264 -4.25 11.94 23.26
CA GLU B 264 -4.98 12.48 24.44
C GLU B 264 -6.46 12.65 24.08
N ALA B 265 -6.77 13.08 22.85
CA ALA B 265 -8.13 13.32 22.34
C ALA B 265 -8.87 12.00 22.18
N ARG B 266 -8.24 11.01 21.52
CA ARG B 266 -8.84 9.68 21.23
C ARG B 266 -9.16 8.96 22.55
N ARG B 267 -8.36 9.20 23.60
CA ARG B 267 -8.53 8.62 24.96
C ARG B 267 -9.74 9.24 25.65
N LYS B 268 -9.85 10.58 25.62
CA LYS B 268 -11.02 11.35 26.12
C LYS B 268 -12.28 10.92 25.36
N ALA B 269 -12.14 10.61 24.07
CA ALA B 269 -13.21 10.05 23.19
C ALA B 269 -13.43 8.57 23.51
N GLY B 270 -12.75 8.04 24.53
CA GLY B 270 -13.03 6.72 25.12
C GLY B 270 -12.39 5.58 24.35
N GLU B 271 -11.49 5.86 23.41
CA GLU B 271 -10.71 4.82 22.69
C GLU B 271 -9.78 4.13 23.68
N PRO B 272 -9.61 2.78 23.63
CA PRO B 272 -8.77 2.07 24.59
C PRO B 272 -7.27 2.29 24.34
N PRO B 273 -6.45 2.47 25.40
CA PRO B 273 -5.00 2.62 25.23
C PRO B 273 -4.39 1.44 24.46
N GLY B 274 -3.53 1.73 23.47
CA GLY B 274 -2.80 0.72 22.68
C GLY B 274 -1.53 0.26 23.39
N PHE B 275 -0.66 -0.46 22.67
CA PHE B 275 0.61 -1.04 23.20
C PHE B 275 1.78 -0.07 23.01
N ASP B 276 1.56 1.04 22.29
CA ASP B 276 2.60 2.03 21.90
C ASP B 276 3.02 2.89 23.10
N LEU B 277 4.14 3.62 22.96
CA LEU B 277 4.81 4.37 24.04
C LEU B 277 3.89 5.49 24.55
N ILE B 278 3.21 6.21 23.65
CA ILE B 278 2.40 7.41 24.03
C ILE B 278 1.19 6.94 24.85
N SER B 279 0.49 5.92 24.37
CA SER B 279 -0.61 5.24 25.09
C SER B 279 -0.14 4.89 26.51
N MET B 280 1.00 4.20 26.61
CA MET B 280 1.55 3.74 27.91
C MET B 280 1.85 4.94 28.80
N LEU B 281 2.54 5.97 28.27
CA LEU B 281 2.91 7.20 29.02
C LEU B 281 1.65 7.90 29.55
N GLN B 282 0.56 7.87 28.76
CA GLN B 282 -0.70 8.59 29.09
C GLN B 282 -1.51 7.75 30.09
N SER B 283 -1.26 6.44 30.16
CA SER B 283 -1.88 5.52 31.16
C SER B 283 -1.21 5.69 32.53
N ASN B 284 0.13 5.66 32.57
CA ASN B 284 0.93 5.73 33.83
C ASN B 284 0.82 7.15 34.41
N LYS B 285 0.58 7.24 35.72
CA LYS B 285 0.21 8.49 36.43
C LYS B 285 1.42 9.43 36.51
N ASP B 286 2.64 8.88 36.57
CA ASP B 286 3.91 9.65 36.67
C ASP B 286 4.13 10.45 35.38
N THR B 287 3.74 9.89 34.23
CA THR B 287 4.02 10.43 32.88
C THR B 287 2.75 10.98 32.22
N ARG B 288 1.68 11.22 32.98
CA ARG B 288 0.41 11.76 32.43
C ARG B 288 0.65 13.18 31.92
N ASP B 289 1.49 13.97 32.62
CA ASP B 289 1.78 15.38 32.29
C ASP B 289 3.18 15.53 31.67
N LEU B 290 3.70 14.50 31.00
CA LEU B 290 5.09 14.47 30.45
C LEU B 290 5.27 15.59 29.42
N ILE B 291 4.22 15.94 28.69
CA ILE B 291 4.25 17.04 27.67
C ILE B 291 4.52 18.39 28.36
N ASN B 292 4.39 18.48 29.69
CA ASN B 292 4.73 19.68 30.49
C ASN B 292 6.22 19.69 30.88
N ARG B 293 6.97 18.67 30.50
CA ARG B 293 8.46 18.60 30.61
C ARG B 293 9.04 18.39 29.21
N PRO B 294 8.98 19.42 28.33
CA PRO B 294 9.27 19.24 26.91
C PRO B 294 10.69 18.75 26.58
N MET B 295 11.69 19.17 27.37
CA MET B 295 13.08 18.67 27.28
C MET B 295 13.09 17.16 27.45
N GLU B 296 12.49 16.65 28.53
CA GLU B 296 12.43 15.20 28.86
C GLU B 296 11.59 14.47 27.80
N PHE B 297 10.45 15.05 27.40
CA PHE B 297 9.50 14.42 26.45
C PHE B 297 10.17 14.22 25.10
N ILE B 298 10.66 15.31 24.47
CA ILE B 298 11.28 15.27 23.11
C ILE B 298 12.63 14.57 23.21
N GLY B 299 13.42 14.90 24.24
CA GLY B 299 14.75 14.32 24.46
C GLY B 299 14.72 12.80 24.47
N ASN B 300 13.85 12.20 25.29
CA ASN B 300 13.84 10.74 25.51
C ASN B 300 13.10 10.06 24.36
N LEU B 301 12.19 10.76 23.66
CA LEU B 301 11.56 10.23 22.43
C LEU B 301 12.61 10.17 21.31
N ALA B 302 13.45 11.21 21.19
CA ALA B 302 14.60 11.26 20.26
C ALA B 302 15.62 10.17 20.62
N LEU B 303 15.91 10.01 21.90
CA LEU B 303 16.84 8.96 22.41
C LEU B 303 16.36 7.58 21.91
N LEU B 304 15.07 7.26 22.06
CA LEU B 304 14.56 5.91 21.69
C LEU B 304 14.73 5.68 20.19
N ILE B 305 14.46 6.66 19.34
CA ILE B 305 14.50 6.49 17.86
C ILE B 305 15.97 6.43 17.40
N VAL B 306 16.84 7.26 17.99
CA VAL B 306 18.32 7.19 17.76
C VAL B 306 18.81 5.83 18.25
N GLY B 307 18.41 5.47 19.48
CA GLY B 307 18.67 4.17 20.14
C GLY B 307 18.47 2.98 19.22
N GLY B 308 17.32 2.90 18.53
CA GLY B 308 16.91 1.69 17.79
C GLY B 308 17.20 1.76 16.30
N ASN B 309 17.57 2.93 15.78
CA ASN B 309 17.60 3.20 14.33
C ASN B 309 18.77 2.44 13.67
N ASP B 310 19.99 2.96 13.76
CA ASP B 310 21.19 2.38 13.09
C ASP B 310 21.51 1.01 13.71
N THR B 311 21.37 0.91 15.03
CA THR B 311 21.63 -0.31 15.83
C THR B 311 20.95 -1.52 15.18
N THR B 312 19.62 -1.49 15.11
CA THR B 312 18.79 -2.62 14.60
C THR B 312 19.12 -2.83 13.11
N ARG B 313 19.20 -1.75 12.35
CA ARG B 313 19.42 -1.76 10.87
C ARG B 313 20.73 -2.49 10.57
N ASN B 314 21.79 -2.16 11.31
CA ASN B 314 23.16 -2.65 11.05
C ASN B 314 23.31 -4.09 11.59
N SER B 315 22.56 -4.43 12.64
CA SER B 315 22.39 -5.83 13.11
C SER B 315 21.76 -6.67 11.98
N MET B 316 20.74 -6.13 11.31
CA MET B 316 19.98 -6.84 10.24
C MET B 316 20.88 -7.05 9.01
N SER B 317 21.64 -6.03 8.60
CA SER B 317 22.60 -6.11 7.46
C SER B 317 23.80 -6.99 7.85
N GLY B 318 24.40 -6.72 9.01
CA GLY B 318 25.60 -7.42 9.53
C GLY B 318 25.40 -8.92 9.55
N GLY B 319 24.25 -9.37 10.05
CA GLY B 319 23.90 -10.81 10.14
C GLY B 319 24.05 -11.49 8.79
N VAL B 320 23.50 -10.88 7.73
CA VAL B 320 23.49 -11.46 6.35
C VAL B 320 24.93 -11.58 5.85
N LEU B 321 25.76 -10.57 6.08
CA LEU B 321 27.20 -10.56 5.67
C LEU B 321 27.95 -11.65 6.44
N ALA B 322 27.78 -11.71 7.77
CA ALA B 322 28.47 -12.65 8.68
C ALA B 322 28.23 -14.09 8.23
N LEU B 323 27.03 -14.40 7.74
CA LEU B 323 26.63 -15.78 7.31
C LEU B 323 27.16 -16.06 5.90
N ASN B 324 27.55 -15.03 5.16
CA ASN B 324 28.16 -15.17 3.81
C ASN B 324 29.67 -15.36 3.96
N GLN B 325 30.30 -14.65 4.89
CA GLN B 325 31.76 -14.75 5.17
C GLN B 325 32.06 -16.06 5.89
N PHE B 326 31.05 -16.69 6.48
CA PHE B 326 31.15 -17.97 7.23
C PHE B 326 30.04 -18.90 6.77
N PRO B 327 30.13 -19.46 5.53
CA PRO B 327 29.02 -20.19 4.91
C PRO B 327 28.59 -21.46 5.65
N GLU B 328 29.48 -22.05 6.46
CA GLU B 328 29.19 -23.28 7.24
C GLU B 328 28.21 -22.93 8.37
N GLU B 329 28.24 -21.70 8.87
CA GLU B 329 27.32 -21.20 9.95
C GLU B 329 25.88 -21.13 9.42
N PHE B 330 25.70 -20.81 8.14
CA PHE B 330 24.36 -20.72 7.49
C PHE B 330 23.82 -22.13 7.26
N ILE B 331 24.64 -23.05 6.76
CA ILE B 331 24.30 -24.49 6.59
C ILE B 331 23.82 -25.02 7.95
N LYS B 332 24.58 -24.74 9.01
CA LYS B 332 24.30 -25.15 10.42
C LYS B 332 22.99 -24.51 10.91
N LEU B 333 22.69 -23.26 10.55
CA LEU B 333 21.46 -22.52 10.98
C LEU B 333 20.21 -23.18 10.37
N LYS B 334 20.29 -23.61 9.11
CA LYS B 334 19.16 -24.23 8.37
C LYS B 334 18.86 -25.60 8.98
N LYS B 335 19.88 -26.39 9.29
CA LYS B 335 19.76 -27.75 9.90
C LYS B 335 19.25 -27.63 11.35
N ASN B 336 19.47 -26.49 12.00
CA ASN B 336 19.19 -26.28 13.46
C ASN B 336 18.59 -24.90 13.69
N PRO B 337 17.37 -24.61 13.16
CA PRO B 337 16.77 -23.28 13.30
C PRO B 337 16.42 -22.87 14.74
N GLU B 338 16.56 -23.79 15.70
CA GLU B 338 16.40 -23.51 17.15
C GLU B 338 17.61 -22.72 17.65
N LEU B 339 18.64 -22.54 16.81
CA LEU B 339 19.86 -21.75 17.12
C LEU B 339 19.63 -20.25 16.90
N ILE B 340 18.50 -19.85 16.31
CA ILE B 340 18.23 -18.44 15.93
C ILE B 340 18.47 -17.52 17.13
N PRO B 341 17.88 -17.77 18.32
CA PRO B 341 18.06 -16.88 19.47
C PRO B 341 19.53 -16.62 19.81
N ASN B 342 20.35 -17.67 19.88
CA ASN B 342 21.79 -17.56 20.22
C ASN B 342 22.53 -16.88 19.06
N MET B 343 22.16 -17.18 17.81
CA MET B 343 22.74 -16.56 16.60
C MET B 343 22.54 -15.04 16.65
N VAL B 344 21.36 -14.59 17.07
CA VAL B 344 21.03 -13.14 17.23
C VAL B 344 22.03 -12.51 18.21
N SER B 345 22.37 -13.21 19.29
CA SER B 345 23.41 -12.75 20.26
C SER B 345 24.77 -12.67 19.58
N GLU B 346 25.12 -13.67 18.76
CA GLU B 346 26.44 -13.81 18.09
C GLU B 346 26.57 -12.75 16.98
N ILE B 347 25.50 -12.53 16.20
CA ILE B 347 25.42 -11.47 15.17
C ILE B 347 25.67 -10.11 15.82
N ILE B 348 25.01 -9.81 16.95
CA ILE B 348 25.14 -8.52 17.70
C ILE B 348 26.56 -8.37 18.29
N ARG B 349 27.15 -9.45 18.80
CA ARG B 349 28.57 -9.46 19.26
C ARG B 349 29.47 -9.13 18.07
N TRP B 350 29.26 -9.81 16.94
CA TRP B 350 30.15 -9.79 15.75
C TRP B 350 30.06 -8.43 15.04
N GLN B 351 28.84 -7.92 14.87
CA GLN B 351 28.61 -6.57 14.28
C GLN B 351 29.09 -5.49 15.26
N THR B 352 28.73 -5.58 16.55
CA THR B 352 28.82 -4.49 17.55
C THR B 352 28.39 -3.16 16.91
N PRO B 353 27.09 -2.99 16.60
CA PRO B 353 26.62 -1.82 15.84
C PRO B 353 27.06 -0.44 16.36
N LEU B 354 27.19 -0.27 17.68
CA LEU B 354 27.78 0.95 18.30
C LEU B 354 29.21 0.63 18.75
N ALA B 355 30.20 1.22 18.08
CA ALA B 355 31.65 0.98 18.23
C ALA B 355 32.07 1.36 19.65
N HIS B 356 31.49 2.41 20.21
CA HIS B 356 31.98 3.00 21.48
C HIS B 356 30.85 3.73 22.20
N MET B 357 31.15 4.13 23.44
CA MET B 357 30.41 5.11 24.25
C MET B 357 31.45 5.87 25.07
N ARG B 358 31.21 7.15 25.34
CA ARG B 358 32.22 8.06 25.94
C ARG B 358 31.79 8.36 27.38
N ARG B 359 32.76 8.67 28.24
CA ARG B 359 32.57 9.00 29.67
C ARG B 359 33.59 10.09 30.04
N VAL B 360 33.36 10.80 31.15
CA VAL B 360 34.33 11.79 31.71
C VAL B 360 34.72 11.33 33.12
N ALA B 361 36.00 11.11 33.36
CA ALA B 361 36.54 10.78 34.71
C ALA B 361 36.12 11.90 35.67
N THR B 362 35.50 11.56 36.80
CA THR B 362 35.03 12.50 37.84
C THR B 362 36.14 12.75 38.87
N GLN B 363 37.20 11.96 38.81
CA GLN B 363 38.41 12.07 39.67
C GLN B 363 39.56 11.36 38.96
N ASP B 364 40.77 11.43 39.51
CA ASP B 364 41.94 10.67 39.00
C ASP B 364 41.64 9.17 39.19
N VAL B 365 41.88 8.36 38.15
CA VAL B 365 41.63 6.89 38.20
C VAL B 365 42.85 6.17 37.61
N GLU B 366 43.43 5.27 38.39
CA GLU B 366 44.54 4.37 38.00
C GLU B 366 43.93 3.20 37.22
N LEU B 367 44.49 2.86 36.06
CA LEU B 367 44.01 1.73 35.22
C LEU B 367 45.15 1.21 34.33
N ARG B 368 45.56 -0.05 34.52
CA ARG B 368 46.68 -0.73 33.81
C ARG B 368 47.95 0.12 33.88
N GLY B 369 48.19 0.83 34.99
CA GLY B 369 49.43 1.61 35.20
C GLY B 369 49.38 3.00 34.60
N GLN B 370 48.21 3.41 34.07
CA GLN B 370 47.98 4.75 33.49
C GLN B 370 47.09 5.51 34.48
N THR B 371 47.29 6.83 34.59
CA THR B 371 46.47 7.72 35.45
C THR B 371 45.60 8.58 34.53
N ILE B 372 44.31 8.23 34.41
CA ILE B 372 43.27 9.06 33.74
C ILE B 372 42.91 10.20 34.70
N LYS B 373 43.04 11.44 34.23
CA LYS B 373 42.93 12.66 35.07
C LYS B 373 41.47 13.14 35.08
N LYS B 374 41.03 13.66 36.22
CA LYS B 374 39.69 14.30 36.38
C LYS B 374 39.43 15.20 35.18
N GLY B 375 38.37 14.90 34.41
CA GLY B 375 37.92 15.75 33.29
C GLY B 375 38.25 15.14 31.94
N ASP B 376 39.09 14.09 31.92
CA ASP B 376 39.51 13.43 30.65
C ASP B 376 38.34 12.63 30.06
N ARG B 377 38.13 12.76 28.75
CA ARG B 377 37.19 11.94 27.96
C ARG B 377 37.79 10.54 27.77
N VAL B 378 36.96 9.51 27.97
CA VAL B 378 37.32 8.06 27.91
C VAL B 378 36.33 7.37 26.97
N LEU B 379 36.80 6.74 25.90
CA LEU B 379 36.00 5.86 25.00
C LEU B 379 36.12 4.42 25.50
N MET B 380 34.98 3.76 25.73
CA MET B 380 34.91 2.29 25.89
C MET B 380 34.65 1.69 24.51
N TRP B 381 35.66 1.08 23.92
CA TRP B 381 35.58 0.55 22.53
C TRP B 381 34.96 -0.86 22.54
N TYR B 382 33.63 -0.92 22.61
CA TYR B 382 32.87 -2.20 22.62
C TYR B 382 33.29 -3.05 21.42
N ALA B 383 33.54 -2.41 20.27
CA ALA B 383 33.95 -3.08 19.01
C ALA B 383 35.25 -3.85 19.22
N SER B 384 36.08 -3.42 20.18
CA SER B 384 37.37 -4.05 20.55
C SER B 384 37.12 -5.18 21.56
N GLY B 385 36.41 -4.89 22.66
CA GLY B 385 36.01 -5.88 23.69
C GLY B 385 35.38 -7.15 23.11
N ASN B 386 34.46 -7.02 22.15
CA ASN B 386 33.75 -8.18 21.54
C ASN B 386 34.69 -8.96 20.58
N ARG B 387 35.88 -8.43 20.27
CA ARG B 387 36.92 -9.16 19.48
C ARG B 387 38.10 -9.54 20.38
N ASP B 388 38.01 -9.32 21.69
CA ASP B 388 39.09 -9.61 22.67
C ASP B 388 39.21 -11.13 22.88
N GLU B 389 40.28 -11.76 22.38
CA GLU B 389 40.52 -13.23 22.48
C GLU B 389 40.66 -13.65 23.96
N ARG B 390 40.84 -12.68 24.87
CA ARG B 390 40.88 -12.95 26.32
C ARG B 390 39.50 -13.39 26.85
N LYS B 391 38.42 -13.11 26.10
CA LYS B 391 37.03 -13.50 26.44
C LYS B 391 36.51 -14.53 25.43
N PHE B 392 36.59 -14.20 24.14
CA PHE B 392 36.00 -14.97 23.03
C PHE B 392 37.12 -15.64 22.22
N GLU B 393 37.30 -16.94 22.42
CA GLU B 393 38.17 -17.82 21.57
C GLU B 393 37.69 -17.67 20.13
N ASN B 394 38.62 -17.44 19.20
CA ASN B 394 38.33 -17.20 17.75
C ASN B 394 37.40 -16.00 17.62
N PRO B 395 37.76 -14.82 18.18
CA PRO B 395 36.81 -13.72 18.33
C PRO B 395 36.33 -13.09 17.01
N ASP B 396 37.04 -13.35 15.91
CA ASP B 396 36.74 -12.76 14.57
C ASP B 396 35.83 -13.70 13.78
N GLN B 397 35.63 -14.94 14.25
CA GLN B 397 34.75 -15.93 13.58
C GLN B 397 33.31 -15.77 14.08
N LEU B 398 32.34 -15.83 13.17
CA LEU B 398 30.92 -16.04 13.50
C LEU B 398 30.74 -17.52 13.87
N ILE B 399 30.39 -17.78 15.13
CA ILE B 399 30.06 -19.15 15.64
C ILE B 399 28.67 -19.05 16.27
N ILE B 400 27.62 -19.50 15.55
CA ILE B 400 26.21 -19.19 15.91
C ILE B 400 25.81 -19.96 17.18
N ASP B 401 26.50 -21.07 17.49
CA ASP B 401 26.27 -21.86 18.73
C ASP B 401 27.33 -21.51 19.80
N ARG B 402 27.98 -20.35 19.69
CA ARG B 402 28.93 -19.84 20.71
C ARG B 402 28.18 -19.69 22.04
N LYS B 403 28.59 -20.48 23.05
CA LYS B 403 27.84 -20.70 24.31
C LYS B 403 27.80 -19.42 25.15
N ASP B 404 28.78 -18.52 25.01
CA ASP B 404 28.86 -17.28 25.81
C ASP B 404 28.63 -16.05 24.91
N ALA B 405 28.10 -16.25 23.71
CA ALA B 405 27.67 -15.16 22.79
C ALA B 405 26.93 -14.08 23.58
N ARG B 406 26.07 -14.46 24.54
CA ARG B 406 25.19 -13.53 25.31
C ARG B 406 26.02 -12.68 26.28
N ASN B 407 27.30 -13.02 26.50
CA ASN B 407 28.22 -12.23 27.37
C ASN B 407 28.84 -11.06 26.58
N HIS B 408 28.49 -10.86 25.30
CA HIS B 408 28.93 -9.71 24.49
C HIS B 408 28.59 -8.40 25.21
N ILE B 409 29.24 -7.31 24.80
CA ILE B 409 29.10 -5.97 25.44
C ILE B 409 28.59 -4.95 24.41
N SER B 410 27.99 -5.43 23.31
CA SER B 410 27.32 -4.59 22.28
C SER B 410 26.23 -3.72 22.91
N PHE B 411 25.56 -4.20 23.97
CA PHE B 411 24.51 -3.46 24.72
C PHE B 411 25.12 -2.72 25.91
N GLY B 412 26.43 -2.84 26.12
CA GLY B 412 27.12 -2.29 27.30
C GLY B 412 26.91 -3.15 28.52
N TYR B 413 26.97 -2.53 29.71
CA TYR B 413 27.10 -3.19 31.03
C TYR B 413 26.88 -2.14 32.11
N GLY B 414 26.08 -2.47 33.13
CA GLY B 414 25.76 -1.56 34.25
C GLY B 414 24.46 -0.81 34.01
N ILE B 415 24.30 0.34 34.67
CA ILE B 415 23.00 1.05 34.79
C ILE B 415 22.52 1.55 33.41
N HIS B 416 23.42 1.76 32.46
CA HIS B 416 23.08 2.28 31.10
C HIS B 416 22.93 1.13 30.10
N ARG B 417 22.94 -0.12 30.54
CA ARG B 417 22.78 -1.27 29.61
C ARG B 417 21.53 -1.04 28.74
N CYS B 418 21.63 -1.38 27.46
CA CYS B 418 20.62 -1.05 26.41
C CYS B 418 19.21 -1.32 26.93
N MET B 419 18.34 -0.32 26.88
CA MET B 419 16.94 -0.43 27.36
C MET B 419 16.11 -1.24 26.34
N GLY B 420 16.51 -1.23 25.07
CA GLY B 420 15.79 -1.87 23.96
C GLY B 420 16.40 -3.20 23.53
N ASN B 421 17.25 -3.78 24.37
CA ASN B 421 17.87 -5.10 24.08
C ASN B 421 16.79 -6.08 23.64
N ARG B 422 15.69 -6.19 24.38
CA ARG B 422 14.64 -7.22 24.15
C ARG B 422 13.97 -6.94 22.80
N LEU B 423 13.74 -5.67 22.47
CA LEU B 423 13.11 -5.26 21.18
C LEU B 423 14.05 -5.64 20.03
N ALA B 424 15.34 -5.29 20.15
CA ALA B 424 16.36 -5.59 19.13
C ALA B 424 16.36 -7.09 18.83
N GLU B 425 16.47 -7.92 19.88
CA GLU B 425 16.56 -9.40 19.79
C GLU B 425 15.29 -9.94 19.12
N LEU B 426 14.13 -9.42 19.52
CA LEU B 426 12.81 -9.79 18.96
C LEU B 426 12.79 -9.56 17.44
N GLN B 427 13.15 -8.35 16.98
CA GLN B 427 13.10 -7.95 15.54
C GLN B 427 14.01 -8.85 14.70
N LEU B 428 15.20 -9.19 15.20
CA LEU B 428 16.20 -10.02 14.47
C LEU B 428 15.75 -11.48 14.46
N ARG B 429 15.25 -11.98 15.59
N ARG B 429 15.25 -11.98 15.59
CA ARG B 429 14.66 -13.34 15.73
CA ARG B 429 14.66 -13.33 15.71
C ARG B 429 13.53 -13.46 14.69
C ARG B 429 13.54 -13.45 14.68
N ILE B 430 12.61 -12.50 14.69
CA ILE B 430 11.46 -12.44 13.75
C ILE B 430 11.98 -12.39 12.31
N LEU B 431 12.90 -11.46 12.00
CA LEU B 431 13.48 -11.35 10.64
C LEU B 431 13.96 -12.74 10.19
N TRP B 432 14.77 -13.40 11.02
CA TRP B 432 15.47 -14.66 10.64
C TRP B 432 14.51 -15.86 10.56
N GLU B 433 13.52 -15.92 11.47
CA GLU B 433 12.41 -16.92 11.38
C GLU B 433 11.72 -16.79 10.01
N GLU B 434 11.33 -15.57 9.64
CA GLU B 434 10.60 -15.27 8.38
C GLU B 434 11.50 -15.51 7.16
N LEU B 435 12.81 -15.25 7.27
CA LEU B 435 13.76 -15.43 6.15
C LEU B 435 13.86 -16.93 5.81
N LEU B 436 14.08 -17.77 6.82
CA LEU B 436 14.35 -19.22 6.66
C LEU B 436 13.11 -19.93 6.10
N LYS B 437 11.91 -19.46 6.47
CA LYS B 437 10.61 -19.95 5.92
C LYS B 437 10.62 -19.79 4.39
N ARG B 438 11.18 -18.70 3.88
CA ARG B 438 10.99 -18.24 2.48
C ARG B 438 12.19 -18.60 1.60
N PHE B 439 13.42 -18.46 2.11
CA PHE B 439 14.66 -18.44 1.28
C PHE B 439 15.57 -19.61 1.64
N ASP B 440 16.12 -20.25 0.59
CA ASP B 440 17.07 -21.38 0.65
C ASP B 440 18.51 -20.83 0.75
N ASN B 441 18.77 -19.69 0.11
CA ASN B 441 20.10 -19.01 0.12
C ASN B 441 19.93 -17.49 0.09
N ILE B 442 20.84 -16.78 0.78
CA ILE B 442 20.97 -15.30 0.80
C ILE B 442 22.41 -14.96 0.45
N GLU B 443 22.68 -14.67 -0.82
CA GLU B 443 24.06 -14.54 -1.40
C GLU B 443 24.43 -13.06 -1.49
N VAL B 444 25.38 -12.60 -0.67
CA VAL B 444 25.98 -11.23 -0.75
C VAL B 444 26.87 -11.18 -1.99
N VAL B 445 26.64 -10.21 -2.88
CA VAL B 445 27.39 -9.98 -4.15
C VAL B 445 28.18 -8.68 -4.02
N GLY B 446 29.35 -8.63 -4.69
CA GLY B 446 30.28 -7.49 -4.64
C GLY B 446 30.84 -7.28 -3.24
N GLU B 447 31.32 -6.07 -2.95
CA GLU B 447 31.86 -5.69 -1.62
C GLU B 447 30.85 -4.78 -0.91
N PRO B 448 30.51 -5.06 0.37
CA PRO B 448 29.69 -4.14 1.16
C PRO B 448 30.35 -2.76 1.24
N GLU B 449 29.58 -1.69 0.98
CA GLU B 449 29.99 -0.30 1.27
C GLU B 449 29.61 0.02 2.72
N ARG B 450 30.55 0.56 3.48
CA ARG B 450 30.41 0.83 4.94
C ARG B 450 30.30 2.34 5.17
N VAL B 451 29.61 2.71 6.25
CA VAL B 451 29.28 4.10 6.63
C VAL B 451 30.51 4.77 7.25
N GLN B 452 30.68 6.06 6.99
CA GLN B 452 31.70 6.92 7.64
C GLN B 452 31.20 7.30 9.03
N SER B 453 31.90 6.86 10.08
CA SER B 453 31.63 7.17 11.51
C SER B 453 32.72 6.54 12.39
N ASN B 454 32.95 7.11 13.57
CA ASN B 454 33.79 6.49 14.62
C ASN B 454 32.86 5.86 15.68
N PHE B 455 31.54 5.88 15.45
CA PHE B 455 30.51 5.54 16.46
C PHE B 455 29.61 4.42 15.92
N VAL B 456 29.00 4.64 14.76
CA VAL B 456 28.14 3.65 14.07
C VAL B 456 29.03 2.72 13.24
N ARG B 457 28.93 1.41 13.46
CA ARG B 457 29.48 0.37 12.56
C ARG B 457 28.34 -0.13 11.68
N GLY B 458 28.19 0.46 10.48
CA GLY B 458 27.02 0.25 9.62
C GLY B 458 27.37 0.07 8.16
N TYR B 459 26.39 -0.35 7.37
CA TYR B 459 26.46 -0.56 5.90
C TYR B 459 25.48 0.39 5.20
N SER B 460 25.94 1.01 4.11
CA SER B 460 25.12 1.88 3.21
C SER B 460 24.69 1.07 1.99
N LYS B 461 25.47 0.07 1.58
CA LYS B 461 25.12 -0.85 0.47
C LYS B 461 25.54 -2.29 0.83
N LEU B 462 24.63 -3.23 0.66
CA LEU B 462 24.87 -4.69 0.82
C LEU B 462 24.03 -5.40 -0.25
N MET B 463 24.64 -5.68 -1.40
CA MET B 463 23.97 -6.29 -2.57
C MET B 463 23.73 -7.77 -2.24
N VAL B 464 22.46 -8.19 -2.33
CA VAL B 464 21.98 -9.54 -1.94
C VAL B 464 21.18 -10.14 -3.09
N LYS B 465 21.42 -11.41 -3.40
CA LYS B 465 20.64 -12.26 -4.35
C LYS B 465 19.93 -13.34 -3.52
N LEU B 466 18.61 -13.43 -3.63
CA LEU B 466 17.77 -14.41 -2.87
C LEU B 466 17.45 -15.61 -3.77
N THR B 467 17.49 -16.82 -3.19
CA THR B 467 16.98 -18.08 -3.79
C THR B 467 15.80 -18.56 -2.96
N ALA B 468 14.73 -19.00 -3.63
CA ALA B 468 13.41 -19.34 -3.02
C ALA B 468 13.31 -20.85 -2.77
N LYS B 469 12.14 -21.26 -2.26
CA LYS B 469 11.63 -22.67 -2.15
C LYS B 469 12.39 -23.40 -1.03
N ASN B 470 12.42 -22.83 0.17
CA ASN B 470 12.88 -23.51 1.41
C ASN B 470 12.39 -22.72 2.63
#